data_2K5C
#
_entry.id   2K5C
#
_cell.length_a   1.000
_cell.length_b   1.000
_cell.length_c   1.000
_cell.angle_alpha   90.00
_cell.angle_beta   90.00
_cell.angle_gamma   90.00
#
_symmetry.space_group_name_H-M   'P 1'
#
loop_
_entity.id
_entity.type
_entity.pdbx_description
1 polymer 'uncharacterized protein PF0385'
2 non-polymer 'ZINC ION'
#
_entity_poly.entity_id   1
_entity_poly.type   'polypeptide(L)'
_entity_poly.pdbx_seq_one_letter_code
;AHHHHHHMAKCPICGSPLKWEELIEEMLIIENFEEIVKDRERFLAQVEEFVFKCPVCGEEFYGKTLPRREAEKVFELLND
FKGGIDWENKRVKLK
;
_entity_poly.pdbx_strand_id   A
#
loop_
_chem_comp.id
_chem_comp.type
_chem_comp.name
_chem_comp.formula
ZN non-polymer 'ZINC ION' 'Zn 2'
#
# COMPACT_ATOMS: atom_id res chain seq x y z
N MET A 8 -9.13 -3.83 1.47
CA MET A 8 -9.67 -2.45 1.38
C MET A 8 -9.26 -1.60 2.58
N ALA A 9 -8.89 -0.33 2.29
CA ALA A 9 -8.45 0.66 3.30
C ALA A 9 -9.53 1.74 3.50
N LYS A 10 -9.69 2.17 4.77
CA LYS A 10 -10.68 3.18 5.19
C LYS A 10 -10.01 4.36 5.89
N CYS A 11 -10.49 5.60 5.55
CA CYS A 11 -9.99 6.90 6.11
C CYS A 11 -10.44 7.12 7.61
N PRO A 12 -9.48 7.34 8.65
CA PRO A 12 -9.89 7.61 10.08
C PRO A 12 -10.46 9.05 10.35
N ILE A 13 -10.49 9.90 9.28
CA ILE A 13 -10.97 11.31 9.34
C ILE A 13 -12.44 11.40 8.80
N CYS A 14 -12.66 10.91 7.54
CA CYS A 14 -13.97 10.96 6.87
C CYS A 14 -14.71 9.60 6.85
N GLY A 15 -13.93 8.51 6.58
CA GLY A 15 -14.45 7.13 6.52
C GLY A 15 -14.92 6.69 5.12
N SER A 16 -14.20 7.16 4.07
CA SER A 16 -14.51 6.85 2.65
C SER A 16 -13.66 5.64 2.12
N PRO A 17 -14.15 4.71 1.12
CA PRO A 17 -13.34 3.53 0.63
C PRO A 17 -12.11 3.90 -0.22
N LEU A 18 -11.02 3.13 0.02
CA LEU A 18 -9.72 3.27 -0.66
C LEU A 18 -9.26 1.92 -1.21
N LYS A 19 -8.59 1.97 -2.40
CA LYS A 19 -8.05 0.78 -3.09
C LYS A 19 -6.56 0.61 -2.81
N TRP A 20 -6.16 -0.67 -2.51
CA TRP A 20 -4.74 -1.10 -2.24
C TRP A 20 -3.83 -1.04 -3.51
N GLU A 21 -4.48 -1.15 -4.71
CA GLU A 21 -3.85 -1.07 -6.07
C GLU A 21 -3.36 0.37 -6.43
N GLU A 22 -4.08 1.42 -5.88
CA GLU A 22 -3.77 2.88 -6.08
C GLU A 22 -2.53 3.34 -5.27
N LEU A 23 -2.34 2.75 -4.03
CA LEU A 23 -1.22 3.02 -3.08
C LEU A 23 0.16 2.53 -3.61
N ILE A 24 0.17 1.31 -4.26
CA ILE A 24 1.38 0.64 -4.86
C ILE A 24 1.78 1.35 -6.22
N GLU A 25 0.74 1.72 -7.04
CA GLU A 25 0.90 2.41 -8.37
C GLU A 25 1.43 3.87 -8.25
N GLU A 26 1.00 4.59 -7.16
CA GLU A 26 1.42 5.97 -6.83
C GLU A 26 2.80 6.06 -6.12
N MET A 27 3.22 4.92 -5.48
CA MET A 27 4.47 4.80 -4.72
C MET A 27 5.60 4.04 -5.50
N LEU A 28 5.29 3.62 -6.78
CA LEU A 28 6.22 2.88 -7.69
C LEU A 28 7.26 3.80 -8.44
N ILE A 29 7.35 5.09 -7.98
CA ILE A 29 8.24 6.15 -8.54
C ILE A 29 9.65 6.18 -7.85
N ILE A 30 9.82 5.38 -6.75
CA ILE A 30 11.07 5.26 -5.95
C ILE A 30 11.84 3.99 -6.40
N GLU A 31 13.19 4.14 -6.54
CA GLU A 31 14.14 3.04 -6.95
C GLU A 31 14.42 2.01 -5.83
N ASN A 32 14.30 2.46 -4.53
CA ASN A 32 14.45 1.62 -3.31
C ASN A 32 13.29 0.60 -3.10
N PHE A 33 12.10 0.93 -3.73
CA PHE A 33 10.83 0.13 -3.71
C PHE A 33 10.98 -1.32 -4.21
N GLU A 34 11.90 -1.51 -5.22
CA GLU A 34 12.28 -2.84 -5.81
C GLU A 34 12.96 -3.79 -4.77
N GLU A 35 13.64 -3.15 -3.76
CA GLU A 35 14.32 -3.81 -2.62
C GLU A 35 13.36 -4.09 -1.43
N ILE A 36 12.37 -3.16 -1.20
CA ILE A 36 11.31 -3.23 -0.13
C ILE A 36 10.24 -4.36 -0.47
N VAL A 37 9.87 -4.47 -1.80
CA VAL A 37 8.86 -5.48 -2.34
C VAL A 37 9.26 -6.99 -2.14
N LYS A 38 10.60 -7.22 -1.91
CA LYS A 38 11.20 -8.55 -1.64
C LYS A 38 11.15 -8.97 -0.14
N ASP A 39 10.97 -7.96 0.78
CA ASP A 39 10.90 -8.18 2.25
C ASP A 39 9.65 -7.52 2.87
N ARG A 40 8.72 -8.41 3.32
CA ARG A 40 7.41 -8.06 4.03
C ARG A 40 7.57 -7.28 5.36
N GLU A 41 8.68 -7.56 6.10
CA GLU A 41 9.04 -6.89 7.41
C GLU A 41 9.42 -5.39 7.25
N ARG A 42 10.04 -5.04 6.07
CA ARG A 42 10.44 -3.66 5.68
C ARG A 42 9.26 -2.83 5.10
N PHE A 43 8.33 -3.52 4.33
CA PHE A 43 7.12 -2.91 3.68
C PHE A 43 6.03 -2.49 4.72
N LEU A 44 5.74 -3.39 5.73
CA LEU A 44 4.75 -3.15 6.83
C LEU A 44 5.20 -2.08 7.86
N ALA A 45 6.56 -2.07 8.13
CA ALA A 45 7.25 -1.09 9.03
C ALA A 45 7.36 0.34 8.43
N GLN A 46 7.44 0.40 7.06
CA GLN A 46 7.52 1.65 6.25
C GLN A 46 6.15 2.35 6.07
N VAL A 47 5.04 1.52 5.96
CA VAL A 47 3.61 2.00 5.83
C VAL A 47 3.12 2.64 7.20
N GLU A 48 3.54 2.00 8.35
CA GLU A 48 3.23 2.45 9.76
C GLU A 48 4.01 3.75 10.18
N GLU A 49 5.26 3.88 9.66
CA GLU A 49 6.19 5.03 9.91
C GLU A 49 5.94 6.26 8.99
N PHE A 50 5.38 6.00 7.77
CA PHE A 50 5.06 7.03 6.76
C PHE A 50 3.57 7.40 6.80
N VAL A 51 3.27 8.66 6.39
CA VAL A 51 1.89 9.21 6.37
C VAL A 51 1.38 9.30 4.89
N PHE A 52 0.04 9.11 4.72
CA PHE A 52 -0.64 9.13 3.40
C PHE A 52 -1.73 10.22 3.35
N LYS A 53 -2.01 10.74 2.12
CA LYS A 53 -3.02 11.81 1.87
C LYS A 53 -4.32 11.23 1.32
N CYS A 54 -5.47 11.80 1.78
CA CYS A 54 -6.82 11.39 1.36
C CYS A 54 -7.38 12.29 0.19
N PRO A 55 -7.71 11.73 -1.08
CA PRO A 55 -8.28 12.57 -2.20
C PRO A 55 -9.80 12.97 -2.03
N VAL A 56 -10.47 12.39 -0.98
CA VAL A 56 -11.93 12.62 -0.66
C VAL A 56 -12.08 13.86 0.27
N CYS A 57 -11.33 13.87 1.41
CA CYS A 57 -11.36 14.96 2.41
C CYS A 57 -10.17 15.93 2.24
N GLY A 58 -8.92 15.38 2.18
CA GLY A 58 -7.69 16.19 1.99
C GLY A 58 -6.67 16.11 3.14
N GLU A 59 -7.10 15.56 4.32
CA GLU A 59 -6.26 15.38 5.54
C GLU A 59 -5.38 14.11 5.48
N GLU A 60 -4.21 14.16 6.21
CA GLU A 60 -3.20 13.07 6.27
C GLU A 60 -3.52 12.04 7.38
N PHE A 61 -3.31 10.74 7.02
CA PHE A 61 -3.56 9.58 7.90
C PHE A 61 -2.32 8.66 7.93
N TYR A 62 -2.00 8.11 9.13
CA TYR A 62 -0.82 7.24 9.36
C TYR A 62 -1.17 5.74 9.27
N GLY A 63 -0.14 4.91 8.87
CA GLY A 63 -0.26 3.42 8.75
C GLY A 63 -0.21 2.66 10.10
N LYS A 64 0.11 3.43 11.19
CA LYS A 64 0.16 2.93 12.60
C LYS A 64 -1.24 3.00 13.30
N THR A 65 -2.16 3.83 12.71
CA THR A 65 -3.55 4.03 13.19
C THR A 65 -4.58 3.15 12.41
N LEU A 66 -4.06 2.24 11.51
CA LEU A 66 -4.88 1.31 10.67
C LEU A 66 -5.23 -0.02 11.45
N PRO A 67 -6.33 -0.85 11.07
CA PRO A 67 -6.70 -2.12 11.81
C PRO A 67 -5.70 -3.27 11.65
N ARG A 68 -5.67 -4.19 12.68
CA ARG A 68 -4.76 -5.38 12.74
C ARG A 68 -5.05 -6.50 11.69
N ARG A 69 -6.27 -6.48 11.08
CA ARG A 69 -6.72 -7.45 10.03
C ARG A 69 -6.22 -7.05 8.61
N GLU A 70 -6.14 -5.69 8.35
CA GLU A 70 -5.66 -5.06 7.07
C GLU A 70 -4.13 -5.22 6.86
N ALA A 71 -3.36 -5.32 7.99
CA ALA A 71 -1.87 -5.56 8.03
C ALA A 71 -1.45 -6.94 7.46
N GLU A 72 -2.38 -7.96 7.65
CA GLU A 72 -2.26 -9.36 7.12
C GLU A 72 -2.49 -9.42 5.58
N LYS A 73 -3.30 -8.44 5.04
CA LYS A 73 -3.61 -8.24 3.58
C LYS A 73 -2.37 -7.76 2.77
N VAL A 74 -1.43 -7.02 3.47
CA VAL A 74 -0.11 -6.49 2.93
C VAL A 74 0.84 -7.70 2.59
N PHE A 75 0.86 -8.76 3.48
CA PHE A 75 1.61 -10.05 3.29
C PHE A 75 1.20 -10.84 2.00
N GLU A 76 -0.10 -10.62 1.56
CA GLU A 76 -0.74 -11.26 0.38
C GLU A 76 -0.19 -10.73 -0.97
N LEU A 77 0.02 -9.37 -1.10
CA LEU A 77 0.60 -8.70 -2.32
C LEU A 77 2.09 -9.06 -2.56
N LEU A 78 2.85 -9.19 -1.42
CA LEU A 78 4.28 -9.61 -1.36
C LEU A 78 4.50 -11.13 -1.69
N ASN A 79 3.53 -11.98 -1.21
CA ASN A 79 3.53 -13.47 -1.41
C ASN A 79 3.00 -13.92 -2.80
N ASP A 80 2.03 -13.13 -3.37
CA ASP A 80 1.39 -13.42 -4.67
C ASP A 80 2.05 -12.58 -5.81
N PHE A 81 3.38 -12.79 -5.93
CA PHE A 81 4.27 -12.15 -6.93
C PHE A 81 4.39 -13.02 -8.19
N LYS A 82 4.51 -12.33 -9.39
CA LYS A 82 4.62 -12.91 -10.79
C LYS A 82 3.24 -13.38 -11.31
N GLY A 83 2.74 -12.64 -12.34
CA GLY A 83 1.44 -12.91 -12.98
C GLY A 83 0.88 -11.69 -13.68
N GLY A 84 0.36 -10.73 -12.87
CA GLY A 84 -0.25 -9.48 -13.39
C GLY A 84 0.42 -8.18 -12.92
N ILE A 85 1.76 -8.23 -12.68
CA ILE A 85 2.55 -7.04 -12.22
C ILE A 85 3.65 -6.78 -13.28
N ASP A 86 3.60 -5.56 -13.87
CA ASP A 86 4.56 -5.09 -14.90
C ASP A 86 5.21 -3.77 -14.48
N TRP A 87 6.57 -3.75 -14.57
CA TRP A 87 7.44 -2.58 -14.22
C TRP A 87 7.53 -1.50 -15.34
N GLU A 88 7.47 -1.96 -16.63
CA GLU A 88 7.52 -1.09 -17.85
C GLU A 88 6.17 -0.40 -18.18
N ASN A 89 5.04 -1.13 -17.92
CA ASN A 89 3.66 -0.64 -18.15
C ASN A 89 3.00 -0.01 -16.89
N LYS A 90 3.61 -0.26 -15.65
CA LYS A 90 3.15 0.24 -14.28
C LYS A 90 1.70 -0.25 -13.88
N ARG A 91 1.52 -1.59 -14.00
CA ARG A 91 0.26 -2.30 -13.66
C ARG A 91 0.45 -3.20 -12.45
N VAL A 92 -0.45 -3.04 -11.45
CA VAL A 92 -0.46 -3.82 -10.18
C VAL A 92 -1.84 -4.49 -10.02
N LYS A 93 -1.82 -5.82 -9.73
CA LYS A 93 -3.04 -6.64 -9.52
C LYS A 93 -3.04 -7.29 -8.12
N LEU A 94 -4.23 -7.24 -7.48
CA LEU A 94 -4.50 -7.82 -6.15
C LEU A 94 -5.65 -8.82 -6.24
N LYS A 95 -5.40 -10.01 -5.66
CA LYS A 95 -6.36 -11.14 -5.62
C LYS A 95 -6.93 -11.32 -4.21
ZN ZN B . -10.60 11.14 4.15
N MET A 8 -9.43 -3.48 1.28
CA MET A 8 -9.84 -2.05 1.26
C MET A 8 -9.46 -1.34 2.55
N ALA A 9 -8.96 -0.08 2.38
CA ALA A 9 -8.53 0.79 3.50
C ALA A 9 -9.54 1.90 3.72
N LYS A 10 -9.81 2.20 5.02
CA LYS A 10 -10.77 3.22 5.46
C LYS A 10 -10.03 4.44 6.03
N CYS A 11 -10.56 5.65 5.67
CA CYS A 11 -10.02 6.97 6.13
C CYS A 11 -10.37 7.27 7.64
N PRO A 12 -9.38 7.69 8.60
CA PRO A 12 -9.72 8.03 10.03
C PRO A 12 -10.49 9.38 10.20
N ILE A 13 -10.54 10.20 9.11
CA ILE A 13 -11.18 11.55 9.07
C ILE A 13 -12.67 11.45 8.58
N CYS A 14 -12.90 10.83 7.38
CA CYS A 14 -14.25 10.70 6.77
C CYS A 14 -14.85 9.29 6.91
N GLY A 15 -13.99 8.24 6.69
CA GLY A 15 -14.39 6.81 6.74
C GLY A 15 -14.85 6.28 5.37
N SER A 16 -14.20 6.80 4.28
CA SER A 16 -14.51 6.44 2.87
C SER A 16 -13.63 5.27 2.34
N PRO A 17 -14.15 4.28 1.41
CA PRO A 17 -13.31 3.16 0.86
C PRO A 17 -12.15 3.61 -0.08
N LEU A 18 -10.96 3.00 0.14
CA LEU A 18 -9.73 3.27 -0.61
C LEU A 18 -9.23 2.00 -1.29
N LYS A 19 -8.65 2.18 -2.51
CA LYS A 19 -8.09 1.09 -3.33
C LYS A 19 -6.59 0.90 -3.04
N TRP A 20 -6.21 -0.39 -2.76
CA TRP A 20 -4.80 -0.83 -2.49
C TRP A 20 -3.88 -0.76 -3.73
N GLU A 21 -4.52 -0.85 -4.95
CA GLU A 21 -3.87 -0.73 -6.30
C GLU A 21 -3.38 0.73 -6.62
N GLU A 22 -4.14 1.75 -6.07
CA GLU A 22 -3.83 3.21 -6.18
C GLU A 22 -2.69 3.66 -5.23
N LEU A 23 -2.63 3.00 -4.01
CA LEU A 23 -1.62 3.22 -2.93
C LEU A 23 -0.16 2.78 -3.37
N ILE A 24 -0.08 1.60 -4.09
CA ILE A 24 1.20 1.00 -4.63
C ILE A 24 1.63 1.74 -5.96
N GLU A 25 0.63 2.11 -6.83
CA GLU A 25 0.82 2.85 -8.13
C GLU A 25 1.38 4.30 -7.95
N GLU A 26 0.94 4.98 -6.85
CA GLU A 26 1.37 6.34 -6.43
C GLU A 26 2.73 6.33 -5.68
N MET A 27 3.07 5.15 -5.08
CA MET A 27 4.29 4.92 -4.30
C MET A 27 5.39 4.14 -5.11
N LEU A 28 5.16 3.94 -6.46
CA LEU A 28 6.09 3.23 -7.37
C LEU A 28 7.16 4.19 -8.04
N ILE A 29 7.25 5.44 -7.49
CA ILE A 29 8.19 6.52 -7.94
C ILE A 29 9.59 6.47 -7.23
N ILE A 30 9.72 5.56 -6.22
CA ILE A 30 10.95 5.35 -5.40
C ILE A 30 11.76 4.15 -5.96
N GLU A 31 13.11 4.30 -5.96
CA GLU A 31 14.10 3.27 -6.42
C GLU A 31 14.40 2.17 -5.36
N ASN A 32 14.09 2.50 -4.05
CA ASN A 32 14.24 1.58 -2.87
C ASN A 32 13.08 0.55 -2.77
N PHE A 33 11.91 0.86 -3.45
CA PHE A 33 10.66 0.02 -3.52
C PHE A 33 10.90 -1.40 -4.09
N GLU A 34 11.84 -1.49 -5.09
CA GLU A 34 12.32 -2.78 -5.73
C GLU A 34 13.01 -3.74 -4.70
N GLU A 35 13.61 -3.11 -3.63
CA GLU A 35 14.27 -3.77 -2.47
C GLU A 35 13.26 -4.10 -1.33
N ILE A 36 12.21 -3.20 -1.15
CA ILE A 36 11.12 -3.33 -0.11
C ILE A 36 10.11 -4.50 -0.49
N VAL A 37 9.79 -4.62 -1.82
CA VAL A 37 8.85 -5.69 -2.42
C VAL A 37 9.30 -7.18 -2.16
N LYS A 38 10.62 -7.35 -1.93
CA LYS A 38 11.28 -8.67 -1.62
C LYS A 38 11.29 -8.99 -0.10
N ASP A 39 11.02 -7.95 0.76
CA ASP A 39 11.00 -8.06 2.22
C ASP A 39 9.66 -7.56 2.82
N ARG A 40 8.83 -8.56 3.27
CA ARG A 40 7.48 -8.36 3.95
C ARG A 40 7.57 -7.53 5.27
N GLU A 41 8.72 -7.68 6.00
CA GLU A 41 9.06 -6.95 7.26
C GLU A 41 9.36 -5.44 7.03
N ARG A 42 9.93 -5.13 5.81
CA ARG A 42 10.26 -3.75 5.34
C ARG A 42 9.02 -3.02 4.74
N PHE A 43 8.07 -3.78 4.07
CA PHE A 43 6.81 -3.25 3.43
C PHE A 43 5.73 -2.83 4.49
N LEU A 44 5.53 -3.69 5.54
CA LEU A 44 4.58 -3.46 6.69
C LEU A 44 5.04 -2.33 7.65
N ALA A 45 6.40 -2.19 7.77
CA ALA A 45 7.10 -1.15 8.58
C ALA A 45 7.22 0.22 7.84
N GLN A 46 7.23 0.17 6.47
CA GLN A 46 7.29 1.38 5.57
C GLN A 46 5.91 2.08 5.43
N VAL A 47 4.79 1.26 5.34
CA VAL A 47 3.35 1.75 5.23
C VAL A 47 2.92 2.45 6.59
N GLU A 48 3.34 1.85 7.74
CA GLU A 48 3.09 2.36 9.14
C GLU A 48 3.92 3.66 9.49
N GLU A 49 5.06 3.84 8.78
CA GLU A 49 5.99 5.00 8.93
C GLU A 49 5.77 6.10 7.84
N PHE A 50 5.04 5.76 6.73
CA PHE A 50 4.72 6.68 5.60
C PHE A 50 3.36 7.38 5.79
N VAL A 51 3.28 8.61 5.20
CA VAL A 51 2.08 9.47 5.22
C VAL A 51 1.31 9.26 3.88
N PHE A 52 -0.02 9.24 4.02
CA PHE A 52 -0.96 9.05 2.89
C PHE A 52 -2.02 10.16 2.92
N LYS A 53 -2.46 10.56 1.70
CA LYS A 53 -3.46 11.62 1.49
C LYS A 53 -4.81 11.05 1.11
N CYS A 54 -5.89 11.70 1.64
CA CYS A 54 -7.30 11.31 1.39
C CYS A 54 -7.88 12.06 0.15
N PRO A 55 -8.58 11.34 -0.90
CA PRO A 55 -9.23 12.05 -2.07
C PRO A 55 -10.57 12.81 -1.71
N VAL A 56 -11.06 12.57 -0.45
CA VAL A 56 -12.32 13.13 0.11
C VAL A 56 -12.00 14.33 1.04
N CYS A 57 -11.09 14.10 2.06
CA CYS A 57 -10.68 15.14 3.05
C CYS A 57 -9.46 15.97 2.56
N GLY A 58 -8.35 15.25 2.17
CA GLY A 58 -7.10 15.89 1.68
C GLY A 58 -6.04 16.09 2.81
N GLU A 59 -6.35 15.55 4.03
CA GLU A 59 -5.50 15.61 5.25
C GLU A 59 -4.46 14.45 5.30
N GLU A 60 -3.45 14.59 6.22
CA GLU A 60 -2.34 13.61 6.43
C GLU A 60 -2.71 12.59 7.52
N PHE A 61 -2.44 11.30 7.20
CA PHE A 61 -2.69 10.12 8.08
C PHE A 61 -1.55 9.07 7.93
N TYR A 62 -1.34 8.28 8.99
CA TYR A 62 -0.29 7.24 9.05
C TYR A 62 -0.86 5.82 8.94
N GLY A 63 0.00 4.87 8.44
CA GLY A 63 -0.35 3.42 8.29
C GLY A 63 -0.32 2.61 9.62
N LYS A 64 0.05 3.33 10.73
CA LYS A 64 0.09 2.78 12.12
C LYS A 64 -1.30 2.85 12.82
N THR A 65 -2.22 3.71 12.26
CA THR A 65 -3.63 3.90 12.75
C THR A 65 -4.64 2.99 11.96
N LEU A 66 -4.09 2.13 11.02
CA LEU A 66 -4.86 1.19 10.17
C LEU A 66 -5.24 -0.14 10.95
N PRO A 67 -6.40 -0.93 10.62
CA PRO A 67 -6.78 -2.21 11.36
C PRO A 67 -5.76 -3.35 11.23
N ARG A 68 -5.69 -4.20 12.31
CA ARG A 68 -4.78 -5.41 12.43
C ARG A 68 -5.08 -6.55 11.41
N ARG A 69 -6.31 -6.53 10.79
CA ARG A 69 -6.78 -7.52 9.77
C ARG A 69 -6.26 -7.16 8.35
N GLU A 70 -6.13 -5.81 8.08
CA GLU A 70 -5.59 -5.22 6.81
C GLU A 70 -4.05 -5.42 6.65
N ALA A 71 -3.31 -5.48 7.83
CA ALA A 71 -1.83 -5.73 7.91
C ALA A 71 -1.45 -7.18 7.47
N GLU A 72 -2.35 -8.17 7.81
CA GLU A 72 -2.24 -9.62 7.42
C GLU A 72 -2.51 -9.85 5.90
N LYS A 73 -3.29 -8.88 5.28
CA LYS A 73 -3.63 -8.83 3.82
C LYS A 73 -2.43 -8.35 2.95
N VAL A 74 -1.52 -7.52 3.58
CA VAL A 74 -0.24 -6.95 2.96
C VAL A 74 0.79 -8.11 2.67
N PHE A 75 0.92 -9.11 3.59
CA PHE A 75 1.81 -10.33 3.46
C PHE A 75 1.46 -11.23 2.22
N GLU A 76 0.14 -11.23 1.81
CA GLU A 76 -0.44 -12.01 0.67
C GLU A 76 0.02 -11.47 -0.73
N LEU A 77 0.05 -10.11 -0.89
CA LEU A 77 0.48 -9.39 -2.14
C LEU A 77 2.01 -9.52 -2.44
N LEU A 78 2.83 -9.52 -1.33
CA LEU A 78 4.31 -9.69 -1.38
C LEU A 78 4.74 -11.18 -1.55
N ASN A 79 3.85 -12.14 -1.14
CA ASN A 79 4.04 -13.62 -1.26
C ASN A 79 3.62 -14.20 -2.65
N ASP A 80 2.85 -13.37 -3.47
CA ASP A 80 2.37 -13.72 -4.85
C ASP A 80 3.51 -13.87 -5.90
N PHE A 81 4.58 -12.97 -5.77
CA PHE A 81 5.83 -12.88 -6.65
C PHE A 81 5.55 -12.53 -8.15
N LYS A 82 4.73 -13.40 -8.82
CA LYS A 82 4.32 -13.26 -10.23
C LYS A 82 2.80 -13.38 -10.36
N GLY A 83 2.22 -12.48 -11.18
CA GLY A 83 0.77 -12.41 -11.43
C GLY A 83 0.44 -11.39 -12.51
N GLY A 84 -0.05 -10.22 -12.04
CA GLY A 84 -0.43 -9.09 -12.92
C GLY A 84 0.26 -7.78 -12.55
N ILE A 85 1.59 -7.85 -12.28
CA ILE A 85 2.44 -6.69 -11.90
C ILE A 85 3.53 -6.56 -12.99
N ASP A 86 3.59 -5.36 -13.61
CA ASP A 86 4.56 -5.01 -14.66
C ASP A 86 5.28 -3.70 -14.31
N TRP A 87 6.64 -3.76 -14.37
CA TRP A 87 7.57 -2.60 -14.08
C TRP A 87 7.74 -1.60 -15.26
N GLU A 88 7.53 -2.12 -16.52
CA GLU A 88 7.62 -1.34 -17.80
C GLU A 88 6.34 -0.52 -18.11
N ASN A 89 5.14 -1.13 -17.81
CA ASN A 89 3.81 -0.51 -18.03
C ASN A 89 3.21 0.15 -16.74
N LYS A 90 3.81 -0.16 -15.52
CA LYS A 90 3.39 0.34 -14.13
C LYS A 90 1.92 -0.04 -13.74
N ARG A 91 1.66 -1.38 -13.80
CA ARG A 91 0.35 -1.99 -13.46
C ARG A 91 0.47 -2.89 -12.24
N VAL A 92 -0.45 -2.67 -11.28
CA VAL A 92 -0.51 -3.43 -10.00
C VAL A 92 -1.93 -4.04 -9.88
N LYS A 93 -1.96 -5.37 -9.63
CA LYS A 93 -3.21 -6.16 -9.47
C LYS A 93 -3.24 -6.81 -8.08
N LEU A 94 -4.45 -6.74 -7.45
CA LEU A 94 -4.71 -7.30 -6.11
C LEU A 94 -5.69 -8.46 -6.18
N LYS A 95 -5.25 -9.57 -5.53
CA LYS A 95 -6.01 -10.83 -5.43
C LYS A 95 -6.43 -11.11 -3.98
ZN ZN B . -11.13 11.21 4.37
N MET A 8 -9.20 -3.80 1.04
CA MET A 8 -9.86 -2.47 1.05
C MET A 8 -9.35 -1.61 2.21
N ALA A 9 -9.09 -0.33 1.88
CA ALA A 9 -8.61 0.69 2.83
C ALA A 9 -9.72 1.70 3.14
N LYS A 10 -9.79 2.09 4.43
CA LYS A 10 -10.79 3.04 4.96
C LYS A 10 -10.12 4.17 5.75
N CYS A 11 -10.64 5.41 5.53
CA CYS A 11 -10.17 6.66 6.23
C CYS A 11 -10.62 6.70 7.74
N PRO A 12 -9.67 6.79 8.80
CA PRO A 12 -10.09 6.88 10.25
C PRO A 12 -10.72 8.26 10.68
N ILE A 13 -10.68 9.26 9.73
CA ILE A 13 -11.17 10.65 9.92
C ILE A 13 -12.64 10.78 9.38
N CYS A 14 -12.87 10.42 8.08
CA CYS A 14 -14.19 10.53 7.43
C CYS A 14 -14.91 9.17 7.29
N GLY A 15 -14.14 8.12 6.90
CA GLY A 15 -14.66 6.74 6.72
C GLY A 15 -15.09 6.42 5.29
N SER A 16 -14.34 6.97 4.29
CA SER A 16 -14.62 6.77 2.85
C SER A 16 -13.71 5.65 2.24
N PRO A 17 -14.16 4.79 1.17
CA PRO A 17 -13.29 3.71 0.56
C PRO A 17 -12.10 4.25 -0.27
N LEU A 18 -10.95 3.57 -0.09
CA LEU A 18 -9.68 3.86 -0.78
C LEU A 18 -9.17 2.63 -1.51
N LYS A 19 -8.52 2.86 -2.67
CA LYS A 19 -7.93 1.81 -3.53
C LYS A 19 -6.45 1.58 -3.20
N TRP A 20 -6.12 0.29 -2.89
CA TRP A 20 -4.72 -0.19 -2.59
C TRP A 20 -3.81 -0.19 -3.85
N GLU A 21 -4.47 -0.28 -5.06
CA GLU A 21 -3.83 -0.23 -6.41
C GLU A 21 -3.30 1.20 -6.74
N GLU A 22 -4.00 2.27 -6.20
CA GLU A 22 -3.62 3.71 -6.35
C GLU A 22 -2.44 4.10 -5.42
N LEU A 23 -2.38 3.46 -4.20
CA LEU A 23 -1.33 3.64 -3.16
C LEU A 23 0.09 3.14 -3.64
N ILE A 24 0.10 1.96 -4.35
CA ILE A 24 1.34 1.31 -4.93
C ILE A 24 1.76 2.01 -6.27
N GLU A 25 0.73 2.39 -7.12
CA GLU A 25 0.91 3.08 -8.45
C GLU A 25 1.50 4.52 -8.34
N GLU A 26 1.09 5.25 -7.24
CA GLU A 26 1.56 6.62 -6.89
C GLU A 26 2.95 6.62 -6.21
N MET A 27 3.30 5.45 -5.59
CA MET A 27 4.55 5.23 -4.86
C MET A 27 5.57 4.34 -5.68
N LEU A 28 5.26 4.09 -6.99
CA LEU A 28 6.10 3.28 -7.90
C LEU A 28 7.12 4.16 -8.75
N ILE A 29 7.42 5.36 -8.21
CA ILE A 29 8.38 6.37 -8.80
C ILE A 29 9.83 6.26 -8.23
N ILE A 30 10.05 5.21 -7.39
CA ILE A 30 11.33 4.93 -6.68
C ILE A 30 11.99 3.67 -7.31
N GLU A 31 13.34 3.75 -7.46
CA GLU A 31 14.21 2.65 -7.98
C GLU A 31 14.65 1.66 -6.85
N ASN A 32 14.58 2.15 -5.57
CA ASN A 32 14.92 1.37 -4.35
C ASN A 32 13.66 0.65 -3.74
N PHE A 33 12.61 0.48 -4.61
CA PHE A 33 11.30 -0.18 -4.28
C PHE A 33 11.42 -1.72 -4.23
N GLU A 34 12.27 -2.28 -5.17
CA GLU A 34 12.60 -3.75 -5.32
C GLU A 34 13.15 -4.43 -4.02
N GLU A 35 13.74 -3.59 -3.11
CA GLU A 35 14.30 -4.00 -1.79
C GLU A 35 13.18 -4.06 -0.70
N ILE A 36 12.28 -3.00 -0.68
CA ILE A 36 11.12 -2.87 0.28
C ILE A 36 9.96 -3.90 -0.09
N VAL A 37 9.66 -4.02 -1.44
CA VAL A 37 8.59 -4.91 -2.00
C VAL A 37 8.89 -6.46 -1.85
N LYS A 38 10.19 -6.81 -1.64
CA LYS A 38 10.67 -8.20 -1.41
C LYS A 38 10.71 -8.59 0.09
N ASP A 39 10.69 -7.56 0.99
CA ASP A 39 10.72 -7.73 2.44
C ASP A 39 9.51 -7.06 3.12
N ARG A 40 8.55 -7.94 3.56
CA ARG A 40 7.29 -7.55 4.33
C ARG A 40 7.56 -6.77 5.66
N GLU A 41 8.73 -7.09 6.31
CA GLU A 41 9.25 -6.44 7.56
C GLU A 41 9.68 -4.97 7.33
N ARG A 42 10.22 -4.68 6.10
CA ARG A 42 10.64 -3.33 5.63
C ARG A 42 9.45 -2.48 5.10
N PHE A 43 8.45 -3.17 4.42
CA PHE A 43 7.21 -2.54 3.84
C PHE A 43 6.18 -2.16 4.94
N LEU A 44 5.92 -3.09 5.93
CA LEU A 44 4.99 -2.87 7.10
C LEU A 44 5.52 -1.81 8.09
N ALA A 45 6.88 -1.68 8.17
CA ALA A 45 7.60 -0.70 9.01
C ALA A 45 7.67 0.71 8.37
N GLN A 46 7.63 0.76 6.99
CA GLN A 46 7.64 2.01 6.17
C GLN A 46 6.23 2.68 6.09
N VAL A 47 5.14 1.82 5.99
CA VAL A 47 3.68 2.25 5.94
C VAL A 47 3.26 2.85 7.35
N GLU A 48 3.71 2.16 8.46
CA GLU A 48 3.45 2.55 9.90
C GLU A 48 4.17 3.86 10.33
N GLU A 49 5.33 4.14 9.66
CA GLU A 49 6.18 5.36 9.90
C GLU A 49 5.82 6.54 8.98
N PHE A 50 5.26 6.24 7.77
CA PHE A 50 4.84 7.25 6.75
C PHE A 50 3.34 7.54 6.84
N VAL A 51 2.98 8.83 6.53
CA VAL A 51 1.58 9.31 6.56
C VAL A 51 0.99 9.36 5.11
N PHE A 52 -0.34 9.20 5.04
CA PHE A 52 -1.11 9.20 3.77
C PHE A 52 -2.18 10.28 3.79
N LYS A 53 -2.41 10.88 2.60
CA LYS A 53 -3.39 11.97 2.38
C LYS A 53 -4.72 11.43 1.86
N CYS A 54 -5.83 11.99 2.40
CA CYS A 54 -7.21 11.61 2.00
C CYS A 54 -7.77 12.62 0.91
N PRO A 55 -8.00 12.20 -0.44
CA PRO A 55 -8.60 13.12 -1.49
C PRO A 55 -10.12 13.44 -1.28
N VAL A 56 -10.75 12.72 -0.28
CA VAL A 56 -12.20 12.82 0.09
C VAL A 56 -12.44 14.00 1.09
N CYS A 57 -11.65 14.03 2.21
CA CYS A 57 -11.77 15.06 3.26
C CYS A 57 -10.63 16.10 3.18
N GLY A 58 -9.34 15.62 3.06
CA GLY A 58 -8.16 16.50 2.97
C GLY A 58 -7.16 16.33 4.13
N GLU A 59 -7.58 15.60 5.21
CA GLU A 59 -6.76 15.31 6.42
C GLU A 59 -5.90 14.04 6.23
N GLU A 60 -4.70 14.04 6.87
CA GLU A 60 -3.69 12.95 6.80
C GLU A 60 -3.90 11.90 7.90
N PHE A 61 -3.74 10.61 7.49
CA PHE A 61 -3.89 9.41 8.36
C PHE A 61 -2.58 8.59 8.33
N TYR A 62 -2.22 8.00 9.49
CA TYR A 62 -0.98 7.20 9.67
C TYR A 62 -1.22 5.69 9.50
N GLY A 63 -0.13 4.97 9.06
CA GLY A 63 -0.14 3.49 8.84
C GLY A 63 -0.10 2.64 10.14
N LYS A 64 0.13 3.33 11.29
CA LYS A 64 0.16 2.75 12.65
C LYS A 64 -1.27 2.71 13.30
N THR A 65 -2.20 3.52 12.75
CA THR A 65 -3.62 3.62 13.20
C THR A 65 -4.59 2.79 12.30
N LEU A 66 -4.01 2.06 11.28
CA LEU A 66 -4.75 1.20 10.31
C LEU A 66 -5.17 -0.18 10.94
N PRO A 67 -6.32 -0.93 10.48
CA PRO A 67 -6.76 -2.25 11.08
C PRO A 67 -5.76 -3.41 10.86
N ARG A 68 -5.77 -4.39 11.82
CA ARG A 68 -4.90 -5.62 11.82
C ARG A 68 -5.19 -6.63 10.67
N ARG A 69 -6.42 -6.53 10.05
CA ARG A 69 -6.86 -7.38 8.89
C ARG A 69 -6.28 -6.88 7.54
N GLU A 70 -6.12 -5.51 7.41
CA GLU A 70 -5.52 -4.80 6.23
C GLU A 70 -3.98 -5.03 6.09
N ALA A 71 -3.30 -5.27 7.27
CA ALA A 71 -1.83 -5.58 7.38
C ALA A 71 -1.47 -6.97 6.76
N GLU A 72 -2.45 -7.93 6.82
CA GLU A 72 -2.37 -9.32 6.25
C GLU A 72 -2.43 -9.32 4.69
N LYS A 73 -3.09 -8.26 4.10
CA LYS A 73 -3.22 -8.00 2.62
C LYS A 73 -1.86 -7.62 1.95
N VAL A 74 -0.95 -7.00 2.79
CA VAL A 74 0.46 -6.56 2.42
C VAL A 74 1.36 -7.82 2.10
N PHE A 75 1.11 -8.97 2.83
CA PHE A 75 1.78 -10.30 2.63
C PHE A 75 1.47 -10.97 1.26
N GLU A 76 0.24 -10.66 0.70
CA GLU A 76 -0.29 -11.19 -0.59
C GLU A 76 0.49 -10.66 -1.84
N LEU A 77 0.90 -9.35 -1.80
CA LEU A 77 1.70 -8.68 -2.87
C LEU A 77 3.19 -9.15 -2.92
N LEU A 78 3.72 -9.55 -1.71
CA LEU A 78 5.11 -10.09 -1.51
C LEU A 78 5.25 -11.58 -1.93
N ASN A 79 4.12 -12.34 -1.85
CA ASN A 79 4.04 -13.79 -2.21
C ASN A 79 3.51 -14.05 -3.63
N ASP A 80 2.79 -13.05 -4.22
CA ASP A 80 2.20 -13.15 -5.57
C ASP A 80 2.89 -12.16 -6.56
N PHE A 81 4.22 -12.42 -6.74
CA PHE A 81 5.13 -11.66 -7.67
C PHE A 81 4.82 -11.94 -9.17
N LYS A 82 4.40 -13.20 -9.47
CA LYS A 82 3.99 -13.66 -10.81
C LYS A 82 2.47 -13.80 -10.85
N GLY A 83 1.83 -13.03 -11.76
CA GLY A 83 0.36 -13.01 -11.94
C GLY A 83 -0.32 -11.89 -11.18
N GLY A 84 -0.36 -10.69 -11.81
CA GLY A 84 -0.97 -9.50 -11.21
C GLY A 84 -0.13 -8.24 -11.39
N ILE A 85 1.13 -8.30 -10.88
CA ILE A 85 2.10 -7.16 -10.93
C ILE A 85 3.20 -7.52 -11.95
N ASP A 86 3.39 -6.61 -12.93
CA ASP A 86 4.40 -6.73 -13.99
C ASP A 86 5.37 -5.55 -13.92
N TRP A 87 6.69 -5.86 -13.99
CA TRP A 87 7.81 -4.86 -13.95
C TRP A 87 8.08 -4.17 -15.31
N GLU A 88 7.78 -4.90 -16.43
CA GLU A 88 7.94 -4.41 -17.85
C GLU A 88 6.74 -3.54 -18.33
N ASN A 89 5.51 -3.91 -17.87
CA ASN A 89 4.24 -3.20 -18.19
C ASN A 89 3.85 -2.11 -17.16
N LYS A 90 4.46 -2.16 -15.91
CA LYS A 90 4.24 -1.21 -14.73
C LYS A 90 2.74 -1.17 -14.22
N ARG A 91 2.16 -2.40 -14.09
CA ARG A 91 0.76 -2.62 -13.65
C ARG A 91 0.69 -3.35 -12.31
N VAL A 92 -0.22 -2.87 -11.45
CA VAL A 92 -0.45 -3.44 -10.08
C VAL A 92 -1.90 -3.97 -10.01
N LYS A 93 -2.00 -5.27 -9.58
CA LYS A 93 -3.28 -5.99 -9.42
C LYS A 93 -3.37 -6.59 -8.01
N LEU A 94 -4.53 -6.31 -7.34
CA LEU A 94 -4.82 -6.80 -5.97
C LEU A 94 -6.15 -7.54 -5.94
N LYS A 95 -6.12 -8.72 -5.28
CA LYS A 95 -7.28 -9.62 -5.12
C LYS A 95 -7.81 -9.57 -3.69
ZN ZN B . -10.92 11.10 4.79
N MET A 8 -9.55 -3.73 1.66
CA MET A 8 -10.10 -2.35 1.60
C MET A 8 -9.69 -1.55 2.84
N ALA A 9 -9.24 -0.30 2.59
CA ALA A 9 -8.80 0.65 3.63
C ALA A 9 -9.81 1.79 3.78
N LYS A 10 -10.08 2.17 5.06
CA LYS A 10 -11.02 3.23 5.44
C LYS A 10 -10.28 4.42 6.01
N CYS A 11 -10.75 5.65 5.60
CA CYS A 11 -10.20 6.97 6.06
C CYS A 11 -10.57 7.29 7.56
N PRO A 12 -9.56 7.74 8.48
CA PRO A 12 -9.90 8.11 9.91
C PRO A 12 -10.64 9.49 10.08
N ILE A 13 -10.74 10.27 8.96
CA ILE A 13 -11.35 11.62 8.92
C ILE A 13 -12.83 11.52 8.40
N CYS A 14 -13.03 10.93 7.19
CA CYS A 14 -14.37 10.81 6.56
C CYS A 14 -14.99 9.40 6.72
N GLY A 15 -14.13 8.35 6.55
CA GLY A 15 -14.55 6.93 6.63
C GLY A 15 -15.01 6.37 5.27
N SER A 16 -14.36 6.86 4.17
CA SER A 16 -14.67 6.47 2.77
C SER A 16 -13.79 5.29 2.27
N PRO A 17 -14.31 4.30 1.35
CA PRO A 17 -13.45 3.17 0.83
C PRO A 17 -12.28 3.61 -0.10
N LEU A 18 -11.09 3.02 0.18
CA LEU A 18 -9.85 3.28 -0.58
C LEU A 18 -9.36 2.00 -1.23
N LYS A 19 -8.80 2.16 -2.46
CA LYS A 19 -8.24 1.05 -3.26
C LYS A 19 -6.76 0.84 -2.99
N TRP A 20 -6.39 -0.45 -2.72
CA TRP A 20 -4.98 -0.90 -2.46
C TRP A 20 -4.07 -0.82 -3.71
N GLU A 21 -4.71 -0.88 -4.92
CA GLU A 21 -4.07 -0.74 -6.27
C GLU A 21 -3.56 0.70 -6.54
N GLU A 22 -4.31 1.72 -6.00
CA GLU A 22 -3.98 3.18 -6.09
C GLU A 22 -2.86 3.61 -5.10
N LEU A 23 -2.83 2.95 -3.90
CA LEU A 23 -1.84 3.16 -2.80
C LEU A 23 -0.38 2.73 -3.20
N ILE A 24 -0.28 1.56 -3.92
CA ILE A 24 1.00 0.97 -4.44
C ILE A 24 1.45 1.71 -5.76
N GLU A 25 0.45 2.07 -6.65
CA GLU A 25 0.67 2.79 -7.95
C GLU A 25 1.19 4.25 -7.77
N GLU A 26 0.71 4.93 -6.68
CA GLU A 26 1.11 6.31 -6.27
C GLU A 26 2.46 6.33 -5.50
N MET A 27 2.81 5.17 -4.89
CA MET A 27 4.02 4.97 -4.09
C MET A 27 5.14 4.17 -4.87
N LEU A 28 4.95 4.01 -6.21
CA LEU A 28 5.90 3.29 -7.11
C LEU A 28 6.95 4.25 -7.78
N ILE A 29 7.08 5.48 -7.20
CA ILE A 29 8.03 6.56 -7.65
C ILE A 29 9.44 6.47 -6.98
N ILE A 30 9.59 5.50 -6.04
CA ILE A 30 10.84 5.24 -5.25
C ILE A 30 11.61 4.06 -5.89
N GLU A 31 12.97 4.20 -5.90
CA GLU A 31 13.93 3.18 -6.43
C GLU A 31 14.26 2.07 -5.39
N ASN A 32 13.98 2.35 -4.08
CA ASN A 32 14.16 1.40 -2.94
C ASN A 32 12.99 0.37 -2.82
N PHE A 33 11.83 0.69 -3.50
CA PHE A 33 10.58 -0.15 -3.57
C PHE A 33 10.83 -1.59 -4.09
N GLU A 34 11.82 -1.71 -5.05
CA GLU A 34 12.32 -3.02 -5.62
C GLU A 34 12.99 -3.92 -4.54
N GLU A 35 13.60 -3.24 -3.51
CA GLU A 35 14.25 -3.87 -2.32
C GLU A 35 13.24 -4.17 -1.18
N ILE A 36 12.22 -3.25 -1.03
CA ILE A 36 11.09 -3.34 0.00
C ILE A 36 10.06 -4.47 -0.40
N VAL A 37 9.76 -4.59 -1.74
CA VAL A 37 8.81 -5.59 -2.34
C VAL A 37 9.26 -7.12 -2.15
N LYS A 38 10.57 -7.32 -1.84
CA LYS A 38 11.19 -8.65 -1.57
C LYS A 38 11.13 -9.06 -0.07
N ASP A 39 10.92 -8.05 0.84
CA ASP A 39 10.85 -8.25 2.29
C ASP A 39 9.54 -7.67 2.88
N ARG A 40 8.66 -8.62 3.35
CA ARG A 40 7.34 -8.34 4.03
C ARG A 40 7.48 -7.51 5.33
N GLU A 41 8.62 -7.74 6.06
CA GLU A 41 9.01 -7.04 7.33
C GLU A 41 9.39 -5.55 7.08
N ARG A 42 9.96 -5.27 5.86
CA ARG A 42 10.34 -3.91 5.38
C ARG A 42 9.13 -3.13 4.80
N PHE A 43 8.15 -3.88 4.14
CA PHE A 43 6.89 -3.32 3.52
C PHE A 43 5.87 -2.86 4.59
N LEU A 44 5.66 -3.71 5.67
CA LEU A 44 4.74 -3.42 6.83
C LEU A 44 5.29 -2.29 7.74
N ALA A 45 6.66 -2.17 7.77
CA ALA A 45 7.42 -1.12 8.51
C ALA A 45 7.53 0.21 7.73
N GLN A 46 7.48 0.12 6.35
CA GLN A 46 7.54 1.30 5.41
C GLN A 46 6.19 2.05 5.32
N VAL A 47 5.05 1.28 5.31
CA VAL A 47 3.63 1.82 5.25
C VAL A 47 3.28 2.56 6.61
N GLU A 48 3.72 1.95 7.77
CA GLU A 48 3.55 2.49 9.17
C GLU A 48 4.42 3.76 9.45
N GLU A 49 5.57 3.88 8.71
CA GLU A 49 6.53 5.02 8.80
C GLU A 49 6.21 6.15 7.78
N PHE A 50 5.52 5.77 6.64
CA PHE A 50 5.13 6.71 5.56
C PHE A 50 3.66 7.16 5.75
N VAL A 51 3.41 8.44 5.38
CA VAL A 51 2.09 9.09 5.48
C VAL A 51 1.35 9.07 4.10
N PHE A 52 0.00 9.04 4.17
CA PHE A 52 -0.89 9.00 2.99
C PHE A 52 -1.94 10.10 3.06
N LYS A 53 -2.30 10.64 1.88
CA LYS A 53 -3.29 11.74 1.72
C LYS A 53 -4.65 11.20 1.28
N CYS A 54 -5.74 11.82 1.82
CA CYS A 54 -7.13 11.47 1.50
C CYS A 54 -7.65 12.29 0.25
N PRO A 55 -8.16 11.63 -0.92
CA PRO A 55 -8.76 12.37 -2.09
C PRO A 55 -10.17 13.00 -1.77
N VAL A 56 -10.72 12.59 -0.58
CA VAL A 56 -12.07 13.00 -0.08
C VAL A 56 -11.94 14.23 0.89
N CYS A 57 -11.04 14.11 1.94
CA CYS A 57 -10.81 15.17 2.95
C CYS A 57 -9.67 16.15 2.53
N GLY A 58 -8.48 15.57 2.18
CA GLY A 58 -7.29 16.35 1.78
C GLY A 58 -6.20 16.38 2.88
N GLU A 59 -6.55 15.83 4.09
CA GLU A 59 -5.65 15.73 5.28
C GLU A 59 -4.81 14.44 5.23
N GLU A 60 -3.60 14.49 5.88
CA GLU A 60 -2.62 13.37 5.93
C GLU A 60 -2.89 12.45 7.13
N PHE A 61 -2.80 11.12 6.85
CA PHE A 61 -3.03 10.02 7.81
C PHE A 61 -1.85 9.02 7.73
N TYR A 62 -1.47 8.46 8.89
CA TYR A 62 -0.33 7.51 9.01
C TYR A 62 -0.76 6.03 8.86
N GLY A 63 0.23 5.18 8.40
CA GLY A 63 0.04 3.71 8.22
C GLY A 63 0.07 2.88 9.53
N LYS A 64 0.38 3.59 10.66
CA LYS A 64 0.40 3.03 12.04
C LYS A 64 -1.01 3.03 12.71
N THR A 65 -1.97 3.80 12.11
CA THR A 65 -3.38 3.92 12.58
C THR A 65 -4.33 2.93 11.80
N LEU A 66 -3.72 2.04 10.93
CA LEU A 66 -4.43 1.02 10.10
C LEU A 66 -4.92 -0.21 10.95
N PRO A 67 -6.09 -0.97 10.60
CA PRO A 67 -6.55 -2.18 11.38
C PRO A 67 -5.58 -3.37 11.31
N ARG A 68 -5.60 -4.21 12.39
CA ARG A 68 -4.73 -5.44 12.55
C ARG A 68 -5.04 -6.58 11.53
N ARG A 69 -6.26 -6.53 10.90
CA ARG A 69 -6.72 -7.51 9.86
C ARG A 69 -6.18 -7.16 8.44
N GLU A 70 -6.04 -5.81 8.17
CA GLU A 70 -5.50 -5.24 6.89
C GLU A 70 -3.97 -5.45 6.71
N ALA A 71 -3.22 -5.53 7.87
CA ALA A 71 -1.74 -5.80 7.94
C ALA A 71 -1.36 -7.24 7.44
N GLU A 72 -2.31 -8.22 7.70
CA GLU A 72 -2.21 -9.65 7.25
C GLU A 72 -2.48 -9.81 5.72
N LYS A 73 -3.31 -8.87 5.14
CA LYS A 73 -3.65 -8.76 3.68
C LYS A 73 -2.46 -8.26 2.82
N VAL A 74 -1.53 -7.48 3.48
CA VAL A 74 -0.26 -6.89 2.88
C VAL A 74 0.73 -8.04 2.46
N PHE A 75 0.83 -9.14 3.29
CA PHE A 75 1.66 -10.36 3.01
C PHE A 75 1.27 -11.11 1.70
N GLU A 76 -0.04 -10.99 1.29
CA GLU A 76 -0.65 -11.64 0.09
C GLU A 76 -0.11 -11.07 -1.26
N LEU A 77 0.06 -9.71 -1.34
CA LEU A 77 0.60 -8.98 -2.52
C LEU A 77 2.13 -9.22 -2.75
N LEU A 78 2.87 -9.38 -1.61
CA LEU A 78 4.34 -9.67 -1.56
C LEU A 78 4.65 -11.18 -1.82
N ASN A 79 3.63 -12.07 -1.56
CA ASN A 79 3.73 -13.55 -1.78
C ASN A 79 3.37 -13.98 -3.24
N ASP A 80 2.83 -13.00 -4.06
CA ASP A 80 2.45 -13.17 -5.50
C ASP A 80 3.68 -13.35 -6.45
N PHE A 81 4.83 -12.62 -6.12
CA PHE A 81 6.16 -12.61 -6.87
C PHE A 81 6.05 -12.13 -8.36
N LYS A 82 5.46 -13.01 -9.23
CA LYS A 82 5.25 -12.77 -10.66
C LYS A 82 3.78 -13.04 -11.02
N GLY A 83 3.21 -12.10 -11.81
CA GLY A 83 1.80 -12.16 -12.24
C GLY A 83 0.94 -11.17 -11.47
N GLY A 84 0.41 -10.16 -12.21
CA GLY A 84 -0.43 -9.11 -11.65
C GLY A 84 0.25 -7.74 -11.62
N ILE A 85 1.55 -7.71 -11.21
CA ILE A 85 2.37 -6.47 -11.09
C ILE A 85 3.40 -6.47 -12.24
N ASP A 86 3.36 -5.38 -13.03
CA ASP A 86 4.26 -5.15 -14.17
C ASP A 86 5.12 -3.90 -13.93
N TRP A 87 6.47 -4.09 -14.08
CA TRP A 87 7.51 -3.02 -13.89
C TRP A 87 7.66 -2.08 -15.11
N GLU A 88 7.45 -2.64 -16.34
CA GLU A 88 7.52 -1.91 -17.64
C GLU A 88 6.22 -1.13 -17.98
N ASN A 89 5.05 -1.71 -17.59
CA ASN A 89 3.71 -1.13 -17.79
C ASN A 89 3.21 -0.31 -16.56
N LYS A 90 3.85 -0.49 -15.34
CA LYS A 90 3.54 0.19 -14.01
C LYS A 90 2.07 -0.08 -13.50
N ARG A 91 1.66 -1.37 -13.62
CA ARG A 91 0.31 -1.86 -13.21
C ARG A 91 0.41 -2.83 -12.04
N VAL A 92 -0.51 -2.61 -11.07
CA VAL A 92 -0.61 -3.41 -9.82
C VAL A 92 -2.00 -4.08 -9.79
N LYS A 93 -1.99 -5.42 -9.60
CA LYS A 93 -3.20 -6.26 -9.52
C LYS A 93 -3.24 -7.03 -8.19
N LEU A 94 -4.42 -6.99 -7.55
CA LEU A 94 -4.70 -7.66 -6.27
C LEU A 94 -5.86 -8.64 -6.43
N LYS A 95 -5.61 -9.88 -5.94
CA LYS A 95 -6.56 -11.00 -5.98
C LYS A 95 -7.02 -11.37 -4.58
ZN ZN B . -11.15 11.23 4.25
N MET A 8 -9.48 -3.47 2.07
CA MET A 8 -9.86 -2.05 1.88
C MET A 8 -9.55 -1.21 3.12
N ALA A 9 -8.99 -0.01 2.87
CA ALA A 9 -8.63 0.98 3.91
C ALA A 9 -9.63 2.13 3.93
N LYS A 10 -9.99 2.56 5.15
CA LYS A 10 -10.93 3.67 5.40
C LYS A 10 -10.20 4.88 5.96
N CYS A 11 -10.59 6.08 5.47
CA CYS A 11 -10.03 7.41 5.90
C CYS A 11 -10.45 7.77 7.38
N PRO A 12 -9.49 8.16 8.38
CA PRO A 12 -9.89 8.55 9.78
C PRO A 12 -10.62 9.93 9.89
N ILE A 13 -10.56 10.73 8.77
CA ILE A 13 -11.14 12.11 8.67
C ILE A 13 -12.61 12.06 8.13
N CYS A 14 -12.83 11.41 6.95
CA CYS A 14 -14.16 11.33 6.31
C CYS A 14 -14.82 9.94 6.43
N GLY A 15 -13.99 8.85 6.28
CA GLY A 15 -14.44 7.45 6.34
C GLY A 15 -14.82 6.88 4.96
N SER A 16 -14.02 7.26 3.92
CA SER A 16 -14.22 6.86 2.51
C SER A 16 -13.43 5.55 2.12
N PRO A 17 -13.97 4.55 1.23
CA PRO A 17 -13.19 3.33 0.81
C PRO A 17 -12.00 3.66 -0.11
N LEU A 18 -10.86 2.99 0.19
CA LEU A 18 -9.60 3.15 -0.55
C LEU A 18 -9.18 1.84 -1.18
N LYS A 19 -8.59 1.95 -2.40
CA LYS A 19 -8.11 0.81 -3.19
C LYS A 19 -6.61 0.60 -2.96
N TRP A 20 -6.26 -0.71 -2.69
CA TRP A 20 -4.85 -1.19 -2.47
C TRP A 20 -3.99 -1.13 -3.75
N GLU A 21 -4.68 -1.22 -4.94
CA GLU A 21 -4.08 -1.12 -6.31
C GLU A 21 -3.59 0.32 -6.64
N GLU A 22 -4.34 1.36 -6.08
CA GLU A 22 -4.01 2.81 -6.20
C GLU A 22 -2.84 3.24 -5.27
N LEU A 23 -2.75 2.58 -4.05
CA LEU A 23 -1.70 2.80 -3.00
C LEU A 23 -0.28 2.38 -3.48
N ILE A 24 -0.19 1.20 -4.20
CA ILE A 24 1.07 0.62 -4.78
C ILE A 24 1.49 1.39 -6.09
N GLU A 25 0.45 1.77 -6.94
CA GLU A 25 0.63 2.52 -8.23
C GLU A 25 1.12 3.98 -8.05
N GLU A 26 0.63 4.64 -6.94
CA GLU A 26 1.00 6.02 -6.52
C GLU A 26 2.34 6.07 -5.73
N MET A 27 2.73 4.89 -5.13
CA MET A 27 3.96 4.75 -4.33
C MET A 27 5.07 3.98 -5.12
N LEU A 28 4.88 3.79 -6.46
CA LEU A 28 5.84 3.08 -7.36
C LEU A 28 6.84 4.05 -8.07
N ILE A 29 6.87 5.33 -7.59
CA ILE A 29 7.77 6.45 -8.08
C ILE A 29 9.19 6.45 -7.41
N ILE A 30 9.42 5.45 -6.52
CA ILE A 30 10.68 5.27 -5.72
C ILE A 30 11.46 4.05 -6.27
N GLU A 31 12.81 4.21 -6.34
CA GLU A 31 13.78 3.15 -6.81
C GLU A 31 14.13 2.09 -5.73
N ASN A 32 13.89 2.44 -4.42
CA ASN A 32 14.09 1.56 -3.25
C ASN A 32 12.92 0.54 -3.06
N PHE A 33 11.72 0.87 -3.66
CA PHE A 33 10.45 0.05 -3.64
C PHE A 33 10.65 -1.38 -4.23
N GLU A 34 11.54 -1.49 -5.27
CA GLU A 34 11.97 -2.76 -5.94
C GLU A 34 12.67 -3.75 -4.94
N GLU A 35 13.35 -3.14 -3.90
CA GLU A 35 14.04 -3.83 -2.77
C GLU A 35 13.09 -4.13 -1.58
N ILE A 36 12.10 -3.20 -1.33
CA ILE A 36 11.05 -3.27 -0.24
C ILE A 36 9.98 -4.39 -0.56
N VAL A 37 9.63 -4.54 -1.88
CA VAL A 37 8.62 -5.56 -2.40
C VAL A 37 9.04 -7.06 -2.16
N LYS A 38 10.36 -7.26 -1.89
CA LYS A 38 10.98 -8.58 -1.58
C LYS A 38 11.07 -8.85 -0.06
N ASP A 39 10.95 -7.76 0.78
CA ASP A 39 11.02 -7.84 2.24
C ASP A 39 9.74 -7.29 2.90
N ARG A 40 8.90 -8.25 3.40
CA ARG A 40 7.61 -8.00 4.16
C ARG A 40 7.81 -7.16 5.47
N GLU A 41 8.96 -7.41 6.16
CA GLU A 41 9.42 -6.73 7.41
C GLU A 41 9.75 -5.22 7.18
N ARG A 42 10.26 -4.91 5.94
CA ARG A 42 10.58 -3.53 5.46
C ARG A 42 9.33 -2.81 4.89
N PHE A 43 8.37 -3.60 4.27
CA PHE A 43 7.10 -3.09 3.67
C PHE A 43 6.03 -2.68 4.71
N LEU A 44 5.80 -3.56 5.75
CA LEU A 44 4.82 -3.34 6.86
C LEU A 44 5.27 -2.24 7.86
N ALA A 45 6.61 -2.16 8.07
CA ALA A 45 7.31 -1.15 8.94
C ALA A 45 7.36 0.27 8.30
N GLN A 46 7.37 0.31 6.93
CA GLN A 46 7.38 1.56 6.11
C GLN A 46 5.98 2.19 5.97
N VAL A 47 4.89 1.34 5.88
CA VAL A 47 3.43 1.78 5.77
C VAL A 47 2.98 2.44 7.13
N GLU A 48 3.41 1.83 8.28
CA GLU A 48 3.15 2.29 9.69
C GLU A 48 3.93 3.59 10.07
N GLU A 49 5.07 3.85 9.36
CA GLU A 49 5.96 5.02 9.55
C GLU A 49 5.66 6.16 8.54
N PHE A 50 5.11 5.79 7.33
CA PHE A 50 4.76 6.73 6.25
C PHE A 50 3.28 7.06 6.27
N VAL A 51 3.00 8.34 5.93
CA VAL A 51 1.65 8.93 5.86
C VAL A 51 1.06 8.86 4.44
N PHE A 52 -0.28 8.80 4.37
CA PHE A 52 -1.04 8.73 3.11
C PHE A 52 -2.04 9.89 3.03
N LYS A 53 -2.28 10.34 1.79
CA LYS A 53 -3.19 11.47 1.47
C LYS A 53 -4.56 10.98 1.04
N CYS A 54 -5.62 11.70 1.51
CA CYS A 54 -7.02 11.40 1.20
C CYS A 54 -7.51 12.13 -0.10
N PRO A 55 -8.22 11.43 -1.12
CA PRO A 55 -8.77 12.11 -2.35
C PRO A 55 -10.06 12.98 -2.08
N VAL A 56 -10.60 12.84 -0.84
CA VAL A 56 -11.84 13.50 -0.36
C VAL A 56 -11.49 14.71 0.57
N CYS A 57 -10.61 14.46 1.61
CA CYS A 57 -10.19 15.49 2.59
C CYS A 57 -8.91 16.25 2.14
N GLY A 58 -7.84 15.47 1.81
CA GLY A 58 -6.53 16.03 1.37
C GLY A 58 -5.48 16.13 2.49
N GLU A 59 -5.81 15.53 3.68
CA GLU A 59 -4.96 15.50 4.90
C GLU A 59 -4.17 14.18 4.99
N GLU A 60 -3.00 14.24 5.70
CA GLU A 60 -2.09 13.09 5.92
C GLU A 60 -2.49 12.29 7.18
N PHE A 61 -2.50 10.96 6.99
CA PHE A 61 -2.85 9.95 8.02
C PHE A 61 -1.77 8.84 8.04
N TYR A 62 -1.53 8.27 9.24
CA TYR A 62 -0.49 7.22 9.45
C TYR A 62 -1.04 5.79 9.26
N GLY A 63 -0.13 4.88 8.79
CA GLY A 63 -0.45 3.43 8.58
C GLY A 63 -0.45 2.57 9.86
N LYS A 64 -0.16 3.24 11.00
CA LYS A 64 -0.15 2.65 12.37
C LYS A 64 -1.57 2.64 13.02
N THR A 65 -2.52 3.44 12.43
CA THR A 65 -3.94 3.55 12.86
C THR A 65 -4.85 2.52 12.10
N LEU A 66 -4.21 1.66 11.22
CA LEU A 66 -4.88 0.62 10.40
C LEU A 66 -5.10 -0.71 11.20
N PRO A 67 -6.28 -1.52 11.00
CA PRO A 67 -6.50 -2.83 11.73
C PRO A 67 -5.50 -3.95 11.36
N ARG A 68 -5.32 -4.95 12.28
CA ARG A 68 -4.40 -6.14 12.11
C ARG A 68 -4.79 -7.05 10.91
N ARG A 69 -6.14 -7.11 10.60
CA ARG A 69 -6.75 -7.84 9.44
C ARG A 69 -6.24 -7.33 8.05
N GLU A 70 -6.05 -5.95 7.93
CA GLU A 70 -5.49 -5.28 6.71
C GLU A 70 -3.96 -5.52 6.55
N ALA A 71 -3.25 -5.72 7.72
CA ALA A 71 -1.78 -6.05 7.81
C ALA A 71 -1.44 -7.46 7.26
N GLU A 72 -2.44 -8.42 7.43
CA GLU A 72 -2.39 -9.83 6.93
C GLU A 72 -2.57 -9.92 5.38
N LYS A 73 -3.26 -8.88 4.79
CA LYS A 73 -3.50 -8.71 3.32
C LYS A 73 -2.22 -8.27 2.56
N VAL A 74 -1.29 -7.53 3.30
CA VAL A 74 0.05 -7.02 2.81
C VAL A 74 1.02 -8.22 2.53
N PHE A 75 0.94 -9.31 3.38
CA PHE A 75 1.72 -10.59 3.22
C PHE A 75 1.37 -11.38 1.92
N GLU A 76 0.08 -11.24 1.43
CA GLU A 76 -0.48 -11.92 0.21
C GLU A 76 0.20 -11.46 -1.11
N LEU A 77 0.50 -10.12 -1.21
CA LEU A 77 1.21 -9.49 -2.38
C LEU A 77 2.74 -9.82 -2.40
N LEU A 78 3.32 -9.99 -1.17
CA LEU A 78 4.73 -10.35 -0.92
C LEU A 78 4.99 -11.88 -1.01
N ASN A 79 3.90 -12.71 -0.81
CA ASN A 79 3.93 -14.20 -0.89
C ASN A 79 3.72 -14.73 -2.34
N ASP A 80 3.09 -13.88 -3.22
CA ASP A 80 2.84 -14.17 -4.66
C ASP A 80 4.08 -13.89 -5.56
N PHE A 81 4.89 -12.81 -5.20
CA PHE A 81 6.16 -12.30 -5.91
C PHE A 81 5.91 -11.79 -7.35
N LYS A 82 5.39 -12.71 -8.22
CA LYS A 82 5.08 -12.48 -9.64
C LYS A 82 3.60 -12.82 -9.90
N GLY A 83 2.92 -11.92 -10.66
CA GLY A 83 1.50 -12.08 -11.02
C GLY A 83 1.12 -11.21 -12.18
N GLY A 84 0.28 -10.20 -11.87
CA GLY A 84 -0.19 -9.21 -12.86
C GLY A 84 0.33 -7.80 -12.57
N ILE A 85 1.67 -7.71 -12.34
CA ILE A 85 2.37 -6.43 -12.03
C ILE A 85 3.43 -6.19 -13.13
N ASP A 86 3.30 -5.01 -13.78
CA ASP A 86 4.20 -4.55 -14.85
C ASP A 86 4.90 -3.26 -14.41
N TRP A 87 6.26 -3.27 -14.52
CA TRP A 87 7.16 -2.12 -14.18
C TRP A 87 7.23 -1.05 -15.30
N GLU A 88 7.02 -1.49 -16.58
CA GLU A 88 7.00 -0.64 -17.81
C GLU A 88 5.65 0.09 -18.04
N ASN A 89 4.53 -0.61 -17.69
CA ASN A 89 3.14 -0.08 -17.81
C ASN A 89 2.62 0.56 -16.49
N LYS A 90 3.30 0.24 -15.31
CA LYS A 90 2.94 0.70 -13.90
C LYS A 90 1.48 0.31 -13.49
N ARG A 91 1.25 -1.02 -13.55
CA ARG A 91 -0.06 -1.63 -13.21
C ARG A 91 0.11 -2.69 -12.15
N VAL A 92 -0.73 -2.56 -11.10
CA VAL A 92 -0.75 -3.45 -9.93
C VAL A 92 -2.15 -4.09 -9.84
N LYS A 93 -2.15 -5.44 -9.74
CA LYS A 93 -3.36 -6.25 -9.62
C LYS A 93 -3.30 -7.10 -8.35
N LEU A 94 -4.41 -7.04 -7.58
CA LEU A 94 -4.58 -7.77 -6.32
C LEU A 94 -5.80 -8.68 -6.40
N LYS A 95 -5.59 -9.95 -5.99
CA LYS A 95 -6.61 -11.00 -5.97
C LYS A 95 -7.01 -11.37 -4.54
ZN ZN B . -10.93 11.62 4.01
N MET A 8 -8.88 -4.18 1.14
CA MET A 8 -9.51 -2.83 1.10
C MET A 8 -9.07 -1.96 2.26
N ALA A 9 -8.79 -0.69 1.94
CA ALA A 9 -8.36 0.35 2.90
C ALA A 9 -9.48 1.36 3.13
N LYS A 10 -9.63 1.77 4.41
CA LYS A 10 -10.65 2.74 4.84
C LYS A 10 -9.99 3.96 5.49
N CYS A 11 -10.55 5.17 5.15
CA CYS A 11 -10.09 6.49 5.69
C CYS A 11 -10.53 6.69 7.19
N PRO A 12 -9.58 7.12 8.18
CA PRO A 12 -9.98 7.37 9.61
C PRO A 12 -10.81 8.69 9.84
N ILE A 13 -10.89 9.54 8.78
CA ILE A 13 -11.56 10.87 8.80
C ILE A 13 -13.03 10.73 8.24
N CYS A 14 -13.18 10.18 6.99
CA CYS A 14 -14.50 10.03 6.32
C CYS A 14 -15.04 8.59 6.37
N GLY A 15 -14.12 7.59 6.13
CA GLY A 15 -14.46 6.15 6.08
C GLY A 15 -14.88 5.70 4.67
N SER A 16 -14.18 6.26 3.63
CA SER A 16 -14.42 6.00 2.19
C SER A 16 -13.63 4.78 1.64
N PRO A 17 -14.20 3.88 0.65
CA PRO A 17 -13.45 2.70 0.08
C PRO A 17 -12.21 3.07 -0.79
N LEU A 18 -11.05 2.47 -0.41
CA LEU A 18 -9.76 2.66 -1.07
C LEU A 18 -9.19 1.33 -1.55
N LYS A 19 -8.49 1.40 -2.72
CA LYS A 19 -7.85 0.24 -3.36
C LYS A 19 -6.38 0.14 -2.93
N TRP A 20 -5.98 -1.10 -2.50
CA TRP A 20 -4.59 -1.44 -2.05
C TRP A 20 -3.57 -1.42 -3.22
N GLU A 21 -4.10 -1.68 -4.45
CA GLU A 21 -3.37 -1.67 -5.77
C GLU A 21 -3.01 -0.23 -6.25
N GLU A 22 -3.91 0.77 -5.93
CA GLU A 22 -3.76 2.22 -6.28
C GLU A 22 -2.70 2.96 -5.43
N LEU A 23 -2.55 2.51 -4.13
CA LEU A 23 -1.56 3.03 -3.12
C LEU A 23 -0.09 2.69 -3.47
N ILE A 24 0.12 1.45 -4.04
CA ILE A 24 1.45 0.89 -4.48
C ILE A 24 1.89 1.53 -5.86
N GLU A 25 0.87 1.94 -6.71
CA GLU A 25 1.08 2.59 -8.04
C GLU A 25 1.63 4.04 -7.95
N GLU A 26 1.20 4.78 -6.87
CA GLU A 26 1.63 6.16 -6.54
C GLU A 26 3.01 6.22 -5.81
N MET A 27 3.37 5.06 -5.16
CA MET A 27 4.63 4.90 -4.39
C MET A 27 5.71 4.03 -5.15
N LEU A 28 5.50 3.81 -6.49
CA LEU A 28 6.42 3.02 -7.35
C LEU A 28 7.46 3.91 -8.13
N ILE A 29 7.74 5.11 -7.55
CA ILE A 29 8.71 6.13 -8.10
C ILE A 29 10.11 6.04 -7.40
N ILE A 30 10.24 5.09 -6.43
CA ILE A 30 11.48 4.86 -5.61
C ILE A 30 12.20 3.59 -6.12
N GLU A 31 13.57 3.67 -6.15
CA GLU A 31 14.49 2.55 -6.57
C GLU A 31 14.73 1.47 -5.48
N ASN A 32 14.44 1.85 -4.19
CA ASN A 32 14.55 0.96 -2.99
C ASN A 32 13.30 0.03 -2.83
N PHE A 33 12.17 0.42 -3.52
CA PHE A 33 10.85 -0.31 -3.56
C PHE A 33 10.97 -1.76 -4.11
N GLU A 34 11.88 -1.92 -5.12
CA GLU A 34 12.25 -3.25 -5.76
C GLU A 34 12.84 -4.26 -4.72
N GLU A 35 13.51 -3.68 -3.68
CA GLU A 35 14.12 -4.41 -2.51
C GLU A 35 13.11 -4.64 -1.37
N ILE A 36 12.15 -3.65 -1.18
CA ILE A 36 11.05 -3.68 -0.13
C ILE A 36 9.95 -4.75 -0.50
N VAL A 37 9.61 -4.85 -1.83
CA VAL A 37 8.58 -5.81 -2.40
C VAL A 37 8.88 -7.34 -2.14
N LYS A 38 10.19 -7.64 -1.87
CA LYS A 38 10.71 -8.99 -1.55
C LYS A 38 10.68 -9.33 -0.04
N ASP A 39 10.58 -8.27 0.83
CA ASP A 39 10.57 -8.40 2.30
C ASP A 39 9.33 -7.71 2.92
N ARG A 40 8.40 -8.57 3.43
CA ARG A 40 7.14 -8.15 4.16
C ARG A 40 7.40 -7.31 5.44
N GLU A 41 8.54 -7.63 6.15
CA GLU A 41 9.03 -6.92 7.37
C GLU A 41 9.49 -5.45 7.07
N ARG A 42 10.00 -5.23 5.81
CA ARG A 42 10.43 -3.91 5.27
C ARG A 42 9.23 -3.08 4.75
N PHE A 43 8.19 -3.79 4.16
CA PHE A 43 6.94 -3.19 3.59
C PHE A 43 5.97 -2.66 4.68
N LEU A 44 5.77 -3.49 5.78
CA LEU A 44 4.92 -3.14 6.96
C LEU A 44 5.52 -2.00 7.82
N ALA A 45 6.90 -1.93 7.83
CA ALA A 45 7.71 -0.88 8.51
C ALA A 45 7.79 0.45 7.71
N GLN A 46 7.64 0.35 6.34
CA GLN A 46 7.64 1.50 5.38
C GLN A 46 6.28 2.24 5.34
N VAL A 47 5.14 1.45 5.41
CA VAL A 47 3.71 1.97 5.41
C VAL A 47 3.40 2.67 6.80
N GLU A 48 3.90 2.07 7.93
CA GLU A 48 3.75 2.58 9.34
C GLU A 48 4.56 3.88 9.62
N GLU A 49 5.67 4.08 8.83
CA GLU A 49 6.57 5.27 8.91
C GLU A 49 6.19 6.39 7.91
N PHE A 50 5.55 6.00 6.76
CA PHE A 50 5.10 6.91 5.69
C PHE A 50 3.64 7.33 5.88
N VAL A 51 3.36 8.61 5.52
CA VAL A 51 2.01 9.21 5.63
C VAL A 51 1.27 9.18 4.24
N PHE A 52 -0.08 9.15 4.32
CA PHE A 52 -0.96 9.09 3.14
C PHE A 52 -2.05 10.16 3.21
N LYS A 53 -2.42 10.69 2.02
CA LYS A 53 -3.44 11.74 1.85
C LYS A 53 -4.75 11.16 1.34
N CYS A 54 -5.89 11.70 1.88
CA CYS A 54 -7.25 11.28 1.48
C CYS A 54 -7.78 12.13 0.27
N PRO A 55 -8.33 11.47 -0.88
CA PRO A 55 -8.91 12.24 -2.04
C PRO A 55 -10.33 12.86 -1.75
N VAL A 56 -10.90 12.46 -0.57
CA VAL A 56 -12.26 12.84 -0.09
C VAL A 56 -12.15 14.00 0.95
N CYS A 57 -11.28 13.82 2.00
CA CYS A 57 -11.07 14.82 3.08
C CYS A 57 -9.97 15.85 2.74
N GLY A 58 -8.75 15.35 2.37
CA GLY A 58 -7.60 16.20 2.04
C GLY A 58 -6.52 16.23 3.14
N GLU A 59 -6.87 15.66 4.35
CA GLU A 59 -5.99 15.52 5.54
C GLU A 59 -5.11 14.26 5.46
N GLU A 60 -3.92 14.32 6.12
CA GLU A 60 -2.92 13.21 6.14
C GLU A 60 -3.14 12.25 7.32
N PHE A 61 -3.03 10.94 7.00
CA PHE A 61 -3.20 9.81 7.94
C PHE A 61 -1.95 8.90 7.86
N TYR A 62 -1.55 8.33 9.03
CA TYR A 62 -0.36 7.47 9.15
C TYR A 62 -0.70 5.97 9.08
N GLY A 63 0.29 5.14 8.59
CA GLY A 63 0.17 3.65 8.48
C GLY A 63 0.26 2.88 9.81
N LYS A 64 0.62 3.65 10.89
CA LYS A 64 0.73 3.16 12.30
C LYS A 64 -0.64 3.26 13.06
N THR A 65 -1.55 4.12 12.54
CA THR A 65 -2.92 4.34 13.08
C THR A 65 -3.99 3.47 12.33
N LEU A 66 -3.51 2.56 11.39
CA LEU A 66 -4.37 1.66 10.56
C LEU A 66 -4.81 0.37 11.35
N PRO A 67 -6.04 -0.33 11.06
CA PRO A 67 -6.48 -1.58 11.82
C PRO A 67 -5.52 -2.79 11.67
N ARG A 68 -5.45 -3.61 12.76
CA ARG A 68 -4.60 -4.85 12.87
C ARG A 68 -4.98 -5.98 11.87
N ARG A 69 -6.23 -5.91 11.31
CA ARG A 69 -6.78 -6.89 10.30
C ARG A 69 -6.30 -6.56 8.87
N GLU A 70 -6.06 -5.23 8.59
CA GLU A 70 -5.55 -4.68 7.30
C GLU A 70 -4.03 -4.96 7.08
N ALA A 71 -3.26 -5.08 8.22
CA ALA A 71 -1.79 -5.43 8.27
C ALA A 71 -1.49 -6.86 7.75
N GLU A 72 -2.49 -7.79 8.01
CA GLU A 72 -2.49 -9.22 7.53
C GLU A 72 -2.79 -9.34 6.01
N LYS A 73 -3.54 -8.31 5.46
CA LYS A 73 -3.89 -8.15 4.01
C LYS A 73 -2.68 -7.72 3.14
N VAL A 74 -1.69 -7.00 3.80
CA VAL A 74 -0.40 -6.48 3.19
C VAL A 74 0.51 -7.70 2.74
N PHE A 75 0.51 -8.82 3.54
CA PHE A 75 1.24 -10.09 3.24
C PHE A 75 0.78 -10.79 1.92
N GLU A 76 -0.54 -10.60 1.56
CA GLU A 76 -1.21 -11.19 0.35
C GLU A 76 -0.66 -10.62 -1.00
N LEU A 77 -0.41 -9.25 -1.04
CA LEU A 77 0.15 -8.53 -2.22
C LEU A 77 1.65 -8.83 -2.46
N LEU A 78 2.40 -9.03 -1.32
CA LEU A 78 3.85 -9.37 -1.30
C LEU A 78 4.10 -10.90 -1.53
N ASN A 79 3.05 -11.76 -1.25
CA ASN A 79 3.09 -13.24 -1.45
C ASN A 79 2.73 -13.67 -2.90
N ASP A 80 2.12 -12.71 -3.70
CA ASP A 80 1.73 -12.91 -5.14
C ASP A 80 2.94 -13.09 -6.09
N PHE A 81 4.09 -12.34 -5.78
CA PHE A 81 5.43 -12.33 -6.53
C PHE A 81 5.32 -11.93 -8.03
N LYS A 82 4.65 -12.81 -8.84
CA LYS A 82 4.41 -12.62 -10.29
C LYS A 82 2.93 -12.86 -10.58
N GLY A 83 2.37 -11.98 -11.44
CA GLY A 83 0.96 -12.03 -11.85
C GLY A 83 0.64 -10.97 -12.86
N GLY A 84 -0.11 -9.93 -12.38
CA GLY A 84 -0.52 -8.79 -13.21
C GLY A 84 0.16 -7.48 -12.79
N ILE A 85 1.51 -7.55 -12.56
CA ILE A 85 2.35 -6.39 -12.15
C ILE A 85 3.41 -6.15 -13.25
N ASP A 86 3.39 -4.92 -13.80
CA ASP A 86 4.32 -4.46 -14.84
C ASP A 86 5.08 -3.22 -14.36
N TRP A 87 6.43 -3.28 -14.50
CA TRP A 87 7.38 -2.17 -14.11
C TRP A 87 7.48 -1.05 -15.18
N GLU A 88 7.26 -1.43 -16.48
CA GLU A 88 7.27 -0.51 -17.67
C GLU A 88 5.93 0.25 -17.86
N ASN A 89 4.79 -0.44 -17.58
CA ASN A 89 3.41 0.11 -17.69
C ASN A 89 2.89 0.71 -16.34
N LYS A 90 3.56 0.33 -15.17
CA LYS A 90 3.22 0.76 -13.74
C LYS A 90 1.74 0.39 -13.35
N ARG A 91 1.49 -0.95 -13.38
CA ARG A 91 0.18 -1.55 -13.04
C ARG A 91 0.35 -2.60 -11.96
N VAL A 92 -0.49 -2.45 -10.92
CA VAL A 92 -0.52 -3.34 -9.73
C VAL A 92 -1.95 -3.90 -9.60
N LYS A 93 -2.03 -5.24 -9.48
CA LYS A 93 -3.30 -5.98 -9.30
C LYS A 93 -3.25 -6.83 -8.04
N LEU A 94 -4.35 -6.78 -7.26
CA LEU A 94 -4.52 -7.52 -6.00
C LEU A 94 -5.64 -8.54 -6.13
N LYS A 95 -5.29 -9.79 -5.76
CA LYS A 95 -6.21 -10.94 -5.80
C LYS A 95 -6.59 -11.40 -4.39
ZN ZN B . -11.28 10.77 4.13
N MET A 8 -9.32 -4.02 1.29
CA MET A 8 -10.01 -2.70 1.33
C MET A 8 -9.43 -1.81 2.42
N ALA A 9 -9.22 -0.52 2.04
CA ALA A 9 -8.69 0.52 2.93
C ALA A 9 -9.76 1.57 3.22
N LYS A 10 -9.78 2.02 4.50
CA LYS A 10 -10.73 3.02 5.01
C LYS A 10 -10.00 4.20 5.64
N CYS A 11 -10.54 5.43 5.36
CA CYS A 11 -9.99 6.72 5.90
C CYS A 11 -10.41 6.92 7.41
N PRO A 12 -9.42 7.08 8.43
CA PRO A 12 -9.78 7.31 9.86
C PRO A 12 -10.33 8.76 10.18
N ILE A 13 -10.28 9.64 9.15
CA ILE A 13 -10.68 11.06 9.23
C ILE A 13 -12.15 11.25 8.71
N CYS A 14 -12.41 10.79 7.45
CA CYS A 14 -13.75 10.94 6.81
C CYS A 14 -14.57 9.64 6.84
N GLY A 15 -13.88 8.48 6.62
CA GLY A 15 -14.50 7.14 6.60
C GLY A 15 -14.97 6.71 5.20
N SER A 16 -14.26 7.21 4.14
CA SER A 16 -14.57 6.92 2.74
C SER A 16 -13.75 5.70 2.17
N PRO A 17 -14.29 4.80 1.17
CA PRO A 17 -13.51 3.64 0.61
C PRO A 17 -12.30 4.06 -0.25
N LEU A 18 -11.18 3.36 -0.01
CA LEU A 18 -9.90 3.55 -0.69
C LEU A 18 -9.44 2.27 -1.39
N LYS A 19 -8.77 2.47 -2.55
CA LYS A 19 -8.23 1.37 -3.37
C LYS A 19 -6.76 1.11 -3.05
N TRP A 20 -6.46 -0.17 -2.71
CA TRP A 20 -5.09 -0.69 -2.40
C TRP A 20 -4.16 -0.72 -3.64
N GLU A 21 -4.80 -0.79 -4.86
CA GLU A 21 -4.14 -0.76 -6.20
C GLU A 21 -3.56 0.66 -6.52
N GLU A 22 -4.27 1.72 -6.01
CA GLU A 22 -3.86 3.16 -6.14
C GLU A 22 -2.73 3.54 -5.16
N LEU A 23 -2.75 2.91 -3.93
CA LEU A 23 -1.75 3.09 -2.82
C LEU A 23 -0.32 2.59 -3.22
N ILE A 24 -0.26 1.40 -3.92
CA ILE A 24 1.00 0.75 -4.43
C ILE A 24 1.48 1.47 -5.75
N GLU A 25 0.52 1.88 -6.65
CA GLU A 25 0.78 2.59 -7.94
C GLU A 25 1.33 4.05 -7.74
N GLU A 26 0.84 4.73 -6.66
CA GLU A 26 1.27 6.09 -6.23
C GLU A 26 2.59 6.09 -5.43
N MET A 27 2.90 4.91 -4.80
CA MET A 27 4.09 4.70 -3.97
C MET A 27 5.21 3.88 -4.74
N LEU A 28 5.07 3.77 -6.09
CA LEU A 28 6.03 3.03 -6.97
C LEU A 28 7.06 4.00 -7.68
N ILE A 29 7.12 5.27 -7.17
CA ILE A 29 8.02 6.36 -7.66
C ILE A 29 9.42 6.37 -6.96
N ILE A 30 9.67 5.35 -6.08
CA ILE A 30 10.92 5.19 -5.27
C ILE A 30 11.77 4.06 -5.90
N GLU A 31 13.12 4.29 -5.89
CA GLU A 31 14.16 3.34 -6.40
C GLU A 31 14.52 2.21 -5.39
N ASN A 32 14.17 2.44 -4.08
CA ASN A 32 14.38 1.48 -2.97
C ASN A 32 13.20 0.47 -2.83
N PHE A 33 12.07 0.75 -3.57
CA PHE A 33 10.82 -0.10 -3.62
C PHE A 33 11.12 -1.56 -4.06
N GLU A 34 12.09 -1.71 -5.02
CA GLU A 34 12.60 -3.05 -5.52
C GLU A 34 13.25 -3.89 -4.38
N GLU A 35 13.84 -3.16 -3.38
CA GLU A 35 14.47 -3.73 -2.16
C GLU A 35 13.44 -3.98 -1.03
N ILE A 36 12.44 -3.04 -0.88
CA ILE A 36 11.34 -3.08 0.15
C ILE A 36 10.27 -4.19 -0.22
N VAL A 37 9.93 -4.31 -1.55
CA VAL A 37 8.93 -5.29 -2.11
C VAL A 37 9.38 -6.82 -1.97
N LYS A 38 10.71 -7.04 -1.74
CA LYS A 38 11.32 -8.37 -1.53
C LYS A 38 11.30 -8.83 -0.04
N ASP A 39 11.12 -7.86 0.90
CA ASP A 39 11.08 -8.09 2.35
C ASP A 39 9.79 -7.53 2.97
N ARG A 40 8.93 -8.47 3.45
CA ARG A 40 7.63 -8.19 4.17
C ARG A 40 7.83 -7.36 5.48
N GLU A 41 8.97 -7.62 6.19
CA GLU A 41 9.39 -6.92 7.45
C GLU A 41 9.79 -5.43 7.22
N ARG A 42 10.33 -5.14 5.98
CA ARG A 42 10.73 -3.78 5.51
C ARG A 42 9.53 -2.96 5.00
N PHE A 43 8.53 -3.66 4.34
CA PHE A 43 7.28 -3.06 3.79
C PHE A 43 6.25 -2.68 4.88
N LEU A 44 6.07 -3.58 5.92
CA LEU A 44 5.13 -3.38 7.09
C LEU A 44 5.59 -2.20 8.00
N ALA A 45 6.95 -2.02 8.09
CA ALA A 45 7.62 -0.93 8.84
C ALA A 45 7.68 0.39 8.05
N GLN A 46 7.63 0.28 6.67
CA GLN A 46 7.64 1.43 5.72
C GLN A 46 6.26 2.13 5.59
N VAL A 47 5.15 1.30 5.65
CA VAL A 47 3.70 1.79 5.59
C VAL A 47 3.33 2.51 6.95
N GLU A 48 3.80 1.91 8.10
CA GLU A 48 3.59 2.43 9.50
C GLU A 48 4.41 3.72 9.81
N GLU A 49 5.52 3.93 9.06
CA GLU A 49 6.43 5.11 9.18
C GLU A 49 6.09 6.23 8.18
N PHE A 50 5.46 5.87 7.03
CA PHE A 50 5.06 6.79 5.96
C PHE A 50 3.58 7.12 6.03
N VAL A 51 3.25 8.39 5.68
CA VAL A 51 1.88 8.92 5.69
C VAL A 51 1.25 8.83 4.26
N PHE A 52 -0.10 8.79 4.25
CA PHE A 52 -0.92 8.69 3.03
C PHE A 52 -1.95 9.80 3.00
N LYS A 53 -2.19 10.28 1.78
CA LYS A 53 -3.14 11.40 1.46
C LYS A 53 -4.51 10.86 1.05
N CYS A 54 -5.58 11.54 1.55
CA CYS A 54 -6.97 11.17 1.23
C CYS A 54 -7.52 12.08 0.06
N PRO A 55 -7.86 11.49 -1.19
CA PRO A 55 -8.39 12.31 -2.35
C PRO A 55 -9.90 12.75 -2.18
N VAL A 56 -10.53 12.23 -1.10
CA VAL A 56 -11.97 12.43 -0.74
C VAL A 56 -12.14 13.68 0.18
N CYS A 57 -11.33 13.76 1.27
CA CYS A 57 -11.37 14.89 2.23
C CYS A 57 -10.19 15.86 2.03
N GLY A 58 -8.94 15.31 1.93
CA GLY A 58 -7.72 16.12 1.72
C GLY A 58 -6.73 16.06 2.89
N GLU A 59 -7.10 15.32 3.98
CA GLU A 59 -6.29 15.12 5.20
C GLU A 59 -5.49 13.82 5.12
N GLU A 60 -4.26 13.85 5.72
CA GLU A 60 -3.30 12.72 5.74
C GLU A 60 -3.51 11.80 6.94
N PHE A 61 -3.38 10.48 6.64
CA PHE A 61 -3.53 9.38 7.61
C PHE A 61 -2.25 8.53 7.63
N TYR A 62 -1.90 8.01 8.82
CA TYR A 62 -0.68 7.19 9.04
C TYR A 62 -0.97 5.67 8.99
N GLY A 63 0.06 4.88 8.56
CA GLY A 63 -0.01 3.39 8.46
C GLY A 63 0.04 2.65 9.83
N LYS A 64 0.35 3.44 10.90
CA LYS A 64 0.41 2.98 12.31
C LYS A 64 -0.99 3.04 13.02
N THR A 65 -1.92 3.86 12.43
CA THR A 65 -3.33 4.03 12.94
C THR A 65 -4.33 3.07 12.21
N LEU A 66 -3.78 2.18 11.29
CA LEU A 66 -4.58 1.21 10.50
C LEU A 66 -4.77 -0.14 11.27
N PRO A 67 -5.97 -0.91 11.10
CA PRO A 67 -6.21 -2.22 11.83
C PRO A 67 -5.23 -3.38 11.42
N ARG A 68 -5.03 -4.36 12.36
CA ARG A 68 -4.15 -5.57 12.15
C ARG A 68 -4.64 -6.51 11.01
N ARG A 69 -6.01 -6.56 10.83
CA ARG A 69 -6.72 -7.32 9.73
C ARG A 69 -6.30 -6.87 8.30
N GLU A 70 -6.06 -5.53 8.12
CA GLU A 70 -5.56 -4.91 6.85
C GLU A 70 -4.04 -5.13 6.63
N ALA A 71 -3.28 -5.26 7.79
CA ALA A 71 -1.82 -5.54 7.86
C ALA A 71 -1.45 -6.96 7.34
N GLU A 72 -2.42 -7.94 7.55
CA GLU A 72 -2.33 -9.36 7.08
C GLU A 72 -2.53 -9.50 5.54
N LYS A 73 -3.26 -8.49 4.95
CA LYS A 73 -3.52 -8.35 3.47
C LYS A 73 -2.27 -7.88 2.69
N VAL A 74 -1.34 -7.16 3.40
CA VAL A 74 -0.02 -6.61 2.88
C VAL A 74 0.93 -7.80 2.49
N PHE A 75 0.91 -8.92 3.27
CA PHE A 75 1.68 -10.19 2.99
C PHE A 75 1.32 -10.86 1.65
N GLU A 76 0.04 -10.68 1.19
CA GLU A 76 -0.54 -11.25 -0.06
C GLU A 76 0.10 -10.67 -1.35
N LEU A 77 0.32 -9.31 -1.38
CA LEU A 77 0.96 -8.57 -2.52
C LEU A 77 2.49 -8.87 -2.66
N LEU A 78 3.14 -9.11 -1.48
CA LEU A 78 4.59 -9.45 -1.35
C LEU A 78 4.87 -10.97 -1.62
N ASN A 79 3.79 -11.81 -1.53
CA ASN A 79 3.84 -13.28 -1.80
C ASN A 79 3.29 -13.64 -3.21
N ASP A 80 2.57 -12.66 -3.84
CA ASP A 80 1.97 -12.79 -5.17
C ASP A 80 2.76 -11.91 -6.17
N PHE A 81 4.01 -12.36 -6.43
CA PHE A 81 4.95 -11.74 -7.42
C PHE A 81 4.57 -12.05 -8.91
N LYS A 82 3.84 -13.19 -9.09
CA LYS A 82 3.34 -13.67 -10.39
C LYS A 82 1.83 -13.44 -10.46
N GLY A 83 1.38 -12.90 -11.63
CA GLY A 83 -0.03 -12.61 -11.88
C GLY A 83 -0.20 -11.52 -12.92
N GLY A 84 -0.39 -10.26 -12.43
CA GLY A 84 -0.57 -9.08 -13.30
C GLY A 84 0.19 -7.86 -12.80
N ILE A 85 1.52 -8.05 -12.53
CA ILE A 85 2.42 -6.96 -12.05
C ILE A 85 3.56 -6.79 -13.09
N ASP A 86 3.66 -5.55 -13.62
CA ASP A 86 4.68 -5.15 -14.61
C ASP A 86 5.43 -3.92 -14.13
N TRP A 87 6.79 -3.99 -14.25
CA TRP A 87 7.73 -2.89 -13.87
C TRP A 87 7.84 -1.79 -14.95
N GLU A 88 7.69 -2.19 -16.25
CA GLU A 88 7.73 -1.30 -17.44
C GLU A 88 6.38 -0.57 -17.71
N ASN A 89 5.25 -1.29 -17.45
CA ASN A 89 3.86 -0.76 -17.63
C ASN A 89 3.27 -0.16 -16.33
N LYS A 90 3.86 -0.52 -15.11
CA LYS A 90 3.46 -0.06 -13.72
C LYS A 90 1.95 -0.37 -13.37
N ARG A 91 1.65 -1.69 -13.47
CA ARG A 91 0.30 -2.23 -13.20
C ARG A 91 0.34 -3.17 -12.00
N VAL A 92 -0.58 -2.89 -11.07
CA VAL A 92 -0.74 -3.65 -9.80
C VAL A 92 -2.19 -4.16 -9.71
N LYS A 93 -2.30 -5.50 -9.52
CA LYS A 93 -3.59 -6.19 -9.34
C LYS A 93 -3.61 -6.93 -8.01
N LEU A 94 -4.72 -6.72 -7.27
CA LEU A 94 -4.97 -7.32 -5.95
C LEU A 94 -6.22 -8.17 -5.97
N LYS A 95 -6.08 -9.38 -5.40
CA LYS A 95 -7.17 -10.38 -5.30
C LYS A 95 -7.61 -10.58 -3.85
ZN ZN B . -10.59 11.01 4.08
N MET A 8 -9.17 -3.83 1.96
CA MET A 8 -9.70 -2.46 1.79
C MET A 8 -9.38 -1.60 3.02
N ALA A 9 -8.91 -0.37 2.75
CA ALA A 9 -8.55 0.63 3.76
C ALA A 9 -9.58 1.76 3.79
N LYS A 10 -9.93 2.19 5.02
CA LYS A 10 -10.90 3.27 5.28
C LYS A 10 -10.21 4.46 5.92
N CYS A 11 -10.61 5.69 5.45
CA CYS A 11 -10.09 7.01 5.95
C CYS A 11 -10.57 7.32 7.41
N PRO A 12 -9.63 7.57 8.46
CA PRO A 12 -10.07 7.91 9.86
C PRO A 12 -10.66 9.35 10.04
N ILE A 13 -10.49 10.21 8.98
CA ILE A 13 -10.92 11.62 8.94
C ILE A 13 -12.36 11.76 8.35
N CYS A 14 -12.60 11.20 7.11
CA CYS A 14 -13.90 11.29 6.42
C CYS A 14 -14.72 9.99 6.51
N GLY A 15 -14.02 8.83 6.35
CA GLY A 15 -14.63 7.49 6.40
C GLY A 15 -15.00 6.92 5.03
N SER A 16 -14.22 7.33 3.99
CA SER A 16 -14.43 6.91 2.58
C SER A 16 -13.59 5.65 2.19
N PRO A 17 -14.10 4.64 1.27
CA PRO A 17 -13.29 3.43 0.87
C PRO A 17 -12.09 3.77 -0.04
N LEU A 18 -10.97 3.08 0.23
CA LEU A 18 -9.70 3.24 -0.51
C LEU A 18 -9.27 1.90 -1.11
N LYS A 19 -8.67 1.99 -2.32
CA LYS A 19 -8.18 0.84 -3.08
C LYS A 19 -6.68 0.61 -2.83
N TRP A 20 -6.34 -0.70 -2.57
CA TRP A 20 -4.93 -1.17 -2.32
C TRP A 20 -4.03 -1.11 -3.59
N GLU A 21 -4.69 -1.19 -4.80
CA GLU A 21 -4.06 -1.09 -6.15
C GLU A 21 -3.60 0.37 -6.50
N GLU A 22 -4.36 1.39 -5.95
CA GLU A 22 -4.08 2.85 -6.10
C GLU A 22 -2.89 3.32 -5.23
N LEU A 23 -2.74 2.70 -4.01
CA LEU A 23 -1.66 2.95 -3.01
C LEU A 23 -0.24 2.51 -3.51
N ILE A 24 -0.18 1.33 -4.20
CA ILE A 24 1.07 0.72 -4.76
C ILE A 24 1.48 1.43 -6.11
N GLU A 25 0.46 1.75 -6.99
CA GLU A 25 0.64 2.44 -8.31
C GLU A 25 1.11 3.92 -8.17
N GLU A 26 0.59 4.63 -7.12
CA GLU A 26 0.95 6.02 -6.75
C GLU A 26 2.31 6.11 -5.97
N MET A 27 2.74 4.96 -5.36
CA MET A 27 3.98 4.86 -4.56
C MET A 27 5.11 4.08 -5.34
N LEU A 28 4.95 3.93 -6.69
CA LEU A 28 5.93 3.23 -7.56
C LEU A 28 6.93 4.18 -8.28
N ILE A 29 7.06 5.43 -7.74
CA ILE A 29 7.97 6.51 -8.26
C ILE A 29 9.35 6.52 -7.49
N ILE A 30 9.62 5.43 -6.72
CA ILE A 30 10.85 5.26 -5.88
C ILE A 30 11.67 4.07 -6.45
N GLU A 31 13.02 4.25 -6.44
CA GLU A 31 14.02 3.24 -6.91
C GLU A 31 14.40 2.19 -5.82
N ASN A 32 14.07 2.52 -4.53
CA ASN A 32 14.29 1.64 -3.34
C ASN A 32 13.14 0.60 -3.14
N PHE A 33 11.97 0.83 -3.85
CA PHE A 33 10.74 -0.03 -3.84
C PHE A 33 11.02 -1.50 -4.29
N GLU A 34 11.97 -1.65 -5.26
CA GLU A 34 12.47 -2.99 -5.79
C GLU A 34 13.16 -3.85 -4.67
N GLU A 35 13.75 -3.13 -3.65
CA GLU A 35 14.41 -3.71 -2.44
C GLU A 35 13.41 -3.98 -1.28
N ILE A 36 12.37 -3.09 -1.16
CA ILE A 36 11.27 -3.14 -0.12
C ILE A 36 10.29 -4.34 -0.41
N VAL A 37 9.98 -4.57 -1.72
CA VAL A 37 9.06 -5.66 -2.25
C VAL A 37 9.55 -7.13 -1.94
N LYS A 38 10.86 -7.26 -1.61
CA LYS A 38 11.53 -8.54 -1.26
C LYS A 38 11.45 -8.87 0.27
N ASP A 39 11.18 -7.81 1.10
CA ASP A 39 11.08 -7.92 2.57
C ASP A 39 9.75 -7.33 3.10
N ARG A 40 8.88 -8.25 3.61
CA ARG A 40 7.55 -7.94 4.27
C ARG A 40 7.70 -7.08 5.56
N GLU A 41 8.85 -7.30 6.29
CA GLU A 41 9.24 -6.56 7.53
C GLU A 41 9.61 -5.07 7.27
N ARG A 42 10.19 -4.80 6.04
CA ARG A 42 10.57 -3.45 5.55
C ARG A 42 9.37 -2.67 4.94
N PHE A 43 8.42 -3.44 4.30
CA PHE A 43 7.17 -2.89 3.65
C PHE A 43 6.10 -2.42 4.67
N LEU A 44 5.83 -3.26 5.73
CA LEU A 44 4.83 -2.98 6.82
C LEU A 44 5.31 -1.87 7.80
N ALA A 45 6.67 -1.83 8.01
CA ALA A 45 7.41 -0.82 8.86
C ALA A 45 7.39 0.60 8.23
N GLN A 46 7.42 0.66 6.85
CA GLN A 46 7.36 1.92 6.05
C GLN A 46 5.93 2.50 5.94
N VAL A 47 4.88 1.60 5.86
CA VAL A 47 3.41 1.97 5.79
C VAL A 47 2.95 2.57 7.19
N GLU A 48 3.45 1.95 8.31
CA GLU A 48 3.17 2.34 9.74
C GLU A 48 3.94 3.63 10.18
N GLU A 49 5.10 3.93 9.51
CA GLU A 49 5.97 5.11 9.78
C GLU A 49 5.67 6.33 8.86
N PHE A 50 5.10 6.05 7.65
CA PHE A 50 4.75 7.07 6.67
C PHE A 50 3.24 7.32 6.61
N VAL A 51 2.90 8.61 6.40
CA VAL A 51 1.51 9.11 6.29
C VAL A 51 1.01 9.08 4.84
N PHE A 52 -0.33 8.98 4.71
CA PHE A 52 -1.03 8.90 3.40
C PHE A 52 -2.08 9.99 3.31
N LYS A 53 -2.22 10.53 2.06
CA LYS A 53 -3.18 11.60 1.72
C LYS A 53 -4.48 11.02 1.17
N CYS A 54 -5.61 11.66 1.58
CA CYS A 54 -6.96 11.25 1.18
C CYS A 54 -7.45 12.03 -0.10
N PRO A 55 -8.00 11.35 -1.24
CA PRO A 55 -8.53 12.09 -2.45
C PRO A 55 -9.90 12.80 -2.22
N VAL A 56 -10.52 12.53 -1.03
CA VAL A 56 -11.87 13.03 -0.65
C VAL A 56 -11.75 14.29 0.26
N CYS A 57 -10.99 14.17 1.40
CA CYS A 57 -10.80 15.29 2.36
C CYS A 57 -9.44 16.01 2.11
N GLY A 58 -8.33 15.23 2.07
CA GLY A 58 -6.97 15.76 1.81
C GLY A 58 -6.09 15.90 3.06
N GLU A 59 -6.38 15.09 4.11
CA GLU A 59 -5.63 15.06 5.38
C GLU A 59 -4.76 13.81 5.47
N GLU A 60 -3.60 13.97 6.18
CA GLU A 60 -2.59 12.89 6.39
C GLU A 60 -2.95 11.99 7.59
N PHE A 61 -2.82 10.67 7.33
CA PHE A 61 -3.11 9.58 8.29
C PHE A 61 -1.95 8.56 8.30
N TYR A 62 -1.72 7.95 9.48
CA TYR A 62 -0.63 6.96 9.69
C TYR A 62 -1.11 5.51 9.50
N GLY A 63 -0.15 4.63 9.03
CA GLY A 63 -0.39 3.18 8.81
C GLY A 63 -0.40 2.33 10.12
N LYS A 64 0.01 2.99 11.24
CA LYS A 64 0.05 2.41 12.61
C LYS A 64 -1.35 2.45 13.33
N THR A 65 -2.29 3.31 12.80
CA THR A 65 -3.68 3.47 13.33
C THR A 65 -4.68 2.50 12.62
N LEU A 66 -4.20 1.75 11.57
CA LEU A 66 -4.99 0.77 10.79
C LEU A 66 -5.03 -0.64 11.49
N PRO A 67 -6.20 -1.49 11.41
CA PRO A 67 -6.27 -2.85 12.07
C PRO A 67 -5.29 -3.91 11.49
N ARG A 68 -5.01 -4.99 12.29
CA ARG A 68 -4.11 -6.13 11.90
C ARG A 68 -4.62 -6.95 10.67
N ARG A 69 -5.99 -7.00 10.50
CA ARG A 69 -6.72 -7.64 9.33
C ARG A 69 -6.31 -7.03 7.95
N GLU A 70 -6.11 -5.66 7.93
CA GLU A 70 -5.62 -4.89 6.74
C GLU A 70 -4.08 -5.01 6.57
N ALA A 71 -3.34 -5.20 7.73
CA ALA A 71 -1.86 -5.41 7.81
C ALA A 71 -1.44 -6.81 7.25
N GLU A 72 -2.34 -7.83 7.46
CA GLU A 72 -2.20 -9.25 6.96
C GLU A 72 -2.39 -9.36 5.41
N LYS A 73 -3.22 -8.40 4.84
CA LYS A 73 -3.49 -8.23 3.37
C LYS A 73 -2.24 -7.75 2.59
N VAL A 74 -1.34 -6.98 3.31
CA VAL A 74 -0.02 -6.42 2.80
C VAL A 74 0.97 -7.59 2.46
N PHE A 75 0.96 -8.69 3.29
CA PHE A 75 1.78 -9.93 3.10
C PHE A 75 1.45 -10.70 1.78
N GLU A 76 0.16 -10.55 1.30
CA GLU A 76 -0.39 -11.21 0.07
C GLU A 76 0.22 -10.64 -1.24
N LEU A 77 0.40 -9.28 -1.30
CA LEU A 77 0.99 -8.55 -2.47
C LEU A 77 2.53 -8.79 -2.64
N LEU A 78 3.23 -8.99 -1.48
CA LEU A 78 4.68 -9.29 -1.39
C LEU A 78 5.01 -10.80 -1.64
N ASN A 79 3.98 -11.68 -1.48
CA ASN A 79 4.07 -13.16 -1.72
C ASN A 79 3.50 -13.55 -3.10
N ASP A 80 2.70 -12.63 -3.72
CA ASP A 80 2.08 -12.82 -5.04
C ASP A 80 2.79 -11.92 -6.09
N PHE A 81 4.06 -12.31 -6.36
CA PHE A 81 4.96 -11.67 -7.38
C PHE A 81 4.54 -11.98 -8.86
N LYS A 82 3.88 -13.17 -9.03
CA LYS A 82 3.34 -13.64 -10.32
C LYS A 82 1.82 -13.47 -10.35
N GLY A 83 1.32 -12.93 -11.48
CA GLY A 83 -0.11 -12.66 -11.71
C GLY A 83 -0.34 -11.62 -12.78
N GLY A 84 -0.50 -10.35 -12.32
CA GLY A 84 -0.74 -9.20 -13.20
C GLY A 84 0.04 -7.95 -12.81
N ILE A 85 1.36 -8.12 -12.53
CA ILE A 85 2.28 -7.02 -12.12
C ILE A 85 3.41 -6.95 -13.16
N ASP A 86 3.54 -5.76 -13.78
CA ASP A 86 4.58 -5.46 -14.78
C ASP A 86 5.39 -4.23 -14.36
N TRP A 87 6.74 -4.38 -14.44
CA TRP A 87 7.73 -3.30 -14.11
C TRP A 87 7.95 -2.29 -15.26
N GLU A 88 7.72 -2.76 -16.53
CA GLU A 88 7.83 -1.95 -17.78
C GLU A 88 6.54 -1.12 -18.06
N ASN A 89 5.35 -1.70 -17.73
CA ASN A 89 4.03 -1.06 -17.89
C ASN A 89 3.52 -0.34 -16.62
N LYS A 90 4.13 -0.67 -15.41
CA LYS A 90 3.81 -0.10 -14.02
C LYS A 90 2.31 -0.33 -13.57
N ARG A 91 1.90 -1.61 -13.69
CA ARG A 91 0.55 -2.07 -13.32
C ARG A 91 0.60 -3.05 -12.15
N VAL A 92 -0.26 -2.75 -11.16
CA VAL A 92 -0.38 -3.54 -9.90
C VAL A 92 -1.84 -4.01 -9.79
N LYS A 93 -1.99 -5.34 -9.67
CA LYS A 93 -3.29 -6.01 -9.51
C LYS A 93 -3.29 -6.89 -8.27
N LEU A 94 -4.36 -6.73 -7.48
CA LEU A 94 -4.62 -7.47 -6.24
C LEU A 94 -5.85 -8.35 -6.43
N LYS A 95 -5.70 -9.66 -6.02
CA LYS A 95 -6.75 -10.76 -6.09
C LYS A 95 -7.14 -11.16 -7.54
ZN ZN B . -10.56 11.27 3.98
N MET A 8 -9.46 -3.64 1.42
CA MET A 8 -9.97 -2.26 1.33
C MET A 8 -9.66 -1.47 2.61
N ALA A 9 -9.22 -0.21 2.40
CA ALA A 9 -8.87 0.73 3.49
C ALA A 9 -9.87 1.87 3.54
N LYS A 10 -10.23 2.27 4.77
CA LYS A 10 -11.18 3.36 5.05
C LYS A 10 -10.49 4.51 5.75
N CYS A 11 -10.86 5.76 5.33
CA CYS A 11 -10.32 7.03 5.89
C CYS A 11 -10.96 7.35 7.31
N PRO A 12 -10.16 7.48 8.49
CA PRO A 12 -10.75 7.85 9.84
C PRO A 12 -11.31 9.30 9.89
N ILE A 13 -10.76 10.19 8.99
CA ILE A 13 -11.12 11.64 8.84
C ILE A 13 -12.53 11.85 8.17
N CYS A 14 -12.78 11.25 6.97
CA CYS A 14 -14.05 11.42 6.24
C CYS A 14 -14.91 10.14 6.25
N GLY A 15 -14.26 8.96 6.01
CA GLY A 15 -14.92 7.65 6.00
C GLY A 15 -15.27 7.15 4.60
N SER A 16 -14.41 7.52 3.60
CA SER A 16 -14.59 7.14 2.17
C SER A 16 -13.75 5.88 1.79
N PRO A 17 -14.22 4.92 0.82
CA PRO A 17 -13.41 3.70 0.42
C PRO A 17 -12.14 4.04 -0.40
N LEU A 18 -11.05 3.31 -0.07
CA LEU A 18 -9.74 3.45 -0.71
C LEU A 18 -9.31 2.12 -1.32
N LYS A 19 -8.64 2.21 -2.49
CA LYS A 19 -8.13 1.05 -3.25
C LYS A 19 -6.66 0.80 -2.94
N TRP A 20 -6.32 -0.51 -2.71
CA TRP A 20 -4.93 -1.01 -2.42
C TRP A 20 -3.99 -0.90 -3.66
N GLU A 21 -4.62 -0.95 -4.87
CA GLU A 21 -3.97 -0.80 -6.22
C GLU A 21 -3.51 0.67 -6.50
N GLU A 22 -4.29 1.67 -5.95
CA GLU A 22 -4.04 3.14 -6.06
C GLU A 22 -2.83 3.61 -5.20
N LEU A 23 -2.65 2.96 -4.00
CA LEU A 23 -1.53 3.20 -3.03
C LEU A 23 -0.14 2.77 -3.57
N ILE A 24 -0.11 1.60 -4.29
CA ILE A 24 1.13 0.99 -4.91
C ILE A 24 1.48 1.72 -6.27
N GLU A 25 0.41 2.05 -7.10
CA GLU A 25 0.54 2.74 -8.42
C GLU A 25 1.03 4.22 -8.30
N GLU A 26 0.55 4.94 -7.22
CA GLU A 26 0.94 6.34 -6.87
C GLU A 26 2.32 6.41 -6.15
N MET A 27 2.75 5.25 -5.55
CA MET A 27 4.02 5.12 -4.82
C MET A 27 5.11 4.32 -5.62
N LEU A 28 4.85 4.10 -6.96
CA LEU A 28 5.78 3.37 -7.87
C LEU A 28 6.75 4.34 -8.65
N ILE A 29 6.88 5.59 -8.13
CA ILE A 29 7.76 6.68 -8.68
C ILE A 29 9.20 6.68 -8.02
N ILE A 30 9.50 5.59 -7.27
CA ILE A 30 10.77 5.40 -6.52
C ILE A 30 11.54 4.20 -7.12
N GLU A 31 12.89 4.40 -7.25
CA GLU A 31 13.86 3.37 -7.74
C GLU A 31 14.35 2.41 -6.61
N ASN A 32 14.17 2.86 -5.32
CA ASN A 32 14.53 2.09 -4.09
C ASN A 32 13.32 1.22 -3.57
N PHE A 33 12.28 1.04 -4.46
CA PHE A 33 11.03 0.27 -4.18
C PHE A 33 11.27 -1.26 -4.25
N GLU A 34 12.17 -1.68 -5.21
CA GLU A 34 12.61 -3.12 -5.45
C GLU A 34 13.27 -3.81 -4.20
N GLU A 35 13.81 -2.95 -3.26
CA GLU A 35 14.42 -3.38 -1.98
C GLU A 35 13.35 -3.59 -0.86
N ILE A 36 12.36 -2.61 -0.77
CA ILE A 36 11.22 -2.63 0.22
C ILE A 36 10.14 -3.74 -0.17
N VAL A 37 9.83 -3.84 -1.51
CA VAL A 37 8.84 -4.81 -2.09
C VAL A 37 9.29 -6.35 -2.00
N LYS A 38 10.60 -6.57 -1.69
CA LYS A 38 11.22 -7.91 -1.49
C LYS A 38 11.18 -8.37 -0.01
N ASP A 39 11.06 -7.37 0.93
CA ASP A 39 11.01 -7.59 2.37
C ASP A 39 9.73 -6.99 2.99
N ARG A 40 8.80 -7.92 3.36
CA ARG A 40 7.48 -7.63 4.06
C ARG A 40 7.64 -6.90 5.43
N GLU A 41 8.76 -7.24 6.14
CA GLU A 41 9.18 -6.65 7.45
C GLU A 41 9.59 -5.15 7.31
N ARG A 42 10.19 -4.80 6.11
CA ARG A 42 10.60 -3.43 5.73
C ARG A 42 9.42 -2.59 5.16
N PHE A 43 8.46 -3.28 4.42
CA PHE A 43 7.23 -2.67 3.79
C PHE A 43 6.15 -2.29 4.84
N LEU A 44 5.86 -3.23 5.81
CA LEU A 44 4.87 -3.03 6.93
C LEU A 44 5.36 -1.98 7.98
N ALA A 45 6.71 -1.94 8.18
CA ALA A 45 7.45 -0.99 9.06
C ALA A 45 7.50 0.46 8.49
N GLN A 46 7.53 0.56 7.11
CA GLN A 46 7.54 1.85 6.35
C GLN A 46 6.13 2.48 6.24
N VAL A 47 5.05 1.62 6.08
CA VAL A 47 3.58 2.05 5.99
C VAL A 47 3.11 2.58 7.40
N GLU A 48 3.53 1.86 8.51
CA GLU A 48 3.23 2.20 9.95
C GLU A 48 3.96 3.49 10.47
N GLU A 49 5.11 3.81 9.82
CA GLU A 49 5.97 5.01 10.14
C GLU A 49 5.68 6.22 9.23
N PHE A 50 5.14 5.96 7.99
CA PHE A 50 4.82 7.00 7.00
C PHE A 50 3.32 7.27 6.94
N VAL A 51 2.99 8.58 6.76
CA VAL A 51 1.62 9.10 6.66
C VAL A 51 1.13 9.15 5.19
N PHE A 52 -0.19 9.04 5.03
CA PHE A 52 -0.87 9.05 3.70
C PHE A 52 -1.93 10.15 3.64
N LYS A 53 -2.04 10.76 2.44
CA LYS A 53 -2.98 11.86 2.13
C LYS A 53 -4.26 11.33 1.50
N CYS A 54 -5.40 11.94 1.92
CA CYS A 54 -6.74 11.56 1.43
C CYS A 54 -7.20 12.47 0.24
N PRO A 55 -7.72 11.88 -0.96
CA PRO A 55 -8.22 12.71 -2.12
C PRO A 55 -9.64 13.36 -1.89
N VAL A 56 -10.26 13.01 -0.72
CA VAL A 56 -11.63 13.42 -0.31
C VAL A 56 -11.55 14.63 0.67
N CYS A 57 -10.77 14.46 1.79
CA CYS A 57 -10.60 15.51 2.82
C CYS A 57 -9.24 16.24 2.67
N GLY A 58 -8.12 15.45 2.62
CA GLY A 58 -6.75 15.98 2.45
C GLY A 58 -5.92 16.01 3.74
N GLU A 59 -6.30 15.15 4.73
CA GLU A 59 -5.62 15.01 6.04
C GLU A 59 -4.70 13.78 6.06
N GLU A 60 -3.56 13.92 6.79
CA GLU A 60 -2.52 12.86 6.96
C GLU A 60 -2.88 11.89 8.09
N PHE A 61 -2.73 10.59 7.76
CA PHE A 61 -3.01 9.44 8.66
C PHE A 61 -1.85 8.43 8.63
N TYR A 62 -1.61 7.77 9.79
CA TYR A 62 -0.53 6.80 9.97
C TYR A 62 -0.99 5.34 9.72
N GLY A 63 -0.01 4.49 9.28
CA GLY A 63 -0.22 3.05 8.99
C GLY A 63 -0.19 2.14 10.25
N LYS A 64 0.00 2.79 11.44
CA LYS A 64 0.00 2.14 12.78
C LYS A 64 -1.43 2.08 13.40
N THR A 65 -2.38 2.89 12.84
CA THR A 65 -3.81 3.00 13.30
C THR A 65 -4.76 2.01 12.59
N LEU A 66 -4.27 1.36 11.46
CA LEU A 66 -5.06 0.36 10.65
C LEU A 66 -5.17 -1.05 11.37
N PRO A 67 -6.33 -1.89 11.23
CA PRO A 67 -6.44 -3.26 11.90
C PRO A 67 -5.46 -4.31 11.33
N ARG A 68 -5.13 -5.35 12.16
CA ARG A 68 -4.19 -6.48 11.78
C ARG A 68 -4.63 -7.30 10.53
N ARG A 69 -5.99 -7.39 10.31
CA ARG A 69 -6.64 -8.04 9.11
C ARG A 69 -6.26 -7.37 7.75
N GLU A 70 -6.10 -5.99 7.78
CA GLU A 70 -5.63 -5.15 6.62
C GLU A 70 -4.08 -5.27 6.42
N ALA A 71 -3.34 -5.53 7.56
CA ALA A 71 -1.85 -5.77 7.61
C ALA A 71 -1.44 -7.11 6.94
N GLU A 72 -2.37 -8.14 7.04
CA GLU A 72 -2.24 -9.51 6.42
C GLU A 72 -2.42 -9.48 4.87
N LYS A 73 -3.19 -8.45 4.37
CA LYS A 73 -3.44 -8.16 2.90
C LYS A 73 -2.17 -7.66 2.16
N VAL A 74 -1.26 -6.98 2.95
CA VAL A 74 0.09 -6.42 2.50
C VAL A 74 1.06 -7.60 2.13
N PHE A 75 0.97 -8.76 2.86
CA PHE A 75 1.75 -10.02 2.61
C PHE A 75 1.43 -10.68 1.23
N GLU A 76 0.14 -10.46 0.75
CA GLU A 76 -0.40 -11.00 -0.54
C GLU A 76 0.28 -10.39 -1.79
N LEU A 77 0.58 -9.05 -1.74
CA LEU A 77 1.27 -8.30 -2.83
C LEU A 77 2.81 -8.61 -2.89
N LEU A 78 3.39 -8.91 -1.69
CA LEU A 78 4.81 -9.31 -1.48
C LEU A 78 5.10 -10.82 -1.80
N ASN A 79 4.02 -11.66 -1.75
CA ASN A 79 4.07 -13.12 -2.03
C ASN A 79 3.58 -13.47 -3.48
N ASP A 80 2.99 -12.46 -4.20
CA ASP A 80 2.47 -12.61 -5.57
C ASP A 80 3.39 -11.88 -6.60
N PHE A 81 4.67 -12.34 -6.60
CA PHE A 81 5.76 -11.85 -7.53
C PHE A 81 5.53 -12.24 -9.02
N LYS A 82 4.84 -13.41 -9.22
CA LYS A 82 4.45 -13.93 -10.54
C LYS A 82 2.92 -13.95 -10.64
N GLY A 83 2.41 -13.09 -11.57
CA GLY A 83 0.96 -12.94 -11.84
C GLY A 83 0.28 -11.87 -11.00
N GLY A 84 -0.04 -10.73 -11.65
CA GLY A 84 -0.70 -9.59 -11.01
C GLY A 84 0.01 -8.27 -11.22
N ILE A 85 1.29 -8.21 -10.78
CA ILE A 85 2.14 -6.98 -10.86
C ILE A 85 3.26 -7.23 -11.91
N ASP A 86 3.33 -6.30 -12.88
CA ASP A 86 4.33 -6.30 -13.97
C ASP A 86 5.17 -5.03 -13.90
N TRP A 87 6.52 -5.22 -14.02
CA TRP A 87 7.54 -4.12 -14.00
C TRP A 87 7.68 -3.36 -15.34
N GLU A 88 7.44 -4.09 -16.48
CA GLU A 88 7.48 -3.56 -17.89
C GLU A 88 6.19 -2.82 -18.30
N ASN A 89 5.01 -3.32 -17.81
CA ASN A 89 3.67 -2.76 -18.08
C ASN A 89 3.21 -1.73 -17.00
N LYS A 90 3.90 -1.70 -15.79
CA LYS A 90 3.63 -0.79 -14.59
C LYS A 90 2.16 -0.93 -13.99
N ARG A 91 1.63 -2.18 -14.09
CA ARG A 91 0.27 -2.56 -13.63
C ARG A 91 0.33 -3.38 -12.36
N VAL A 92 -0.59 -3.03 -11.42
CA VAL A 92 -0.72 -3.66 -10.09
C VAL A 92 -2.14 -4.27 -10.00
N LYS A 93 -2.17 -5.59 -9.65
CA LYS A 93 -3.41 -6.37 -9.48
C LYS A 93 -3.44 -6.97 -8.07
N LEU A 94 -4.60 -6.73 -7.38
CA LEU A 94 -4.86 -7.21 -6.02
C LEU A 94 -6.21 -7.93 -5.96
N LYS A 95 -6.18 -9.11 -5.32
CA LYS A 95 -7.36 -9.98 -5.14
C LYS A 95 -7.75 -10.07 -3.66
ZN ZN B . -10.52 11.38 4.06
N MET A 8 -8.99 -3.99 1.04
CA MET A 8 -9.63 -2.64 1.03
C MET A 8 -9.24 -1.83 2.28
N ALA A 9 -8.85 -0.55 2.02
CA ALA A 9 -8.46 0.42 3.05
C ALA A 9 -9.50 1.53 3.18
N LYS A 10 -9.78 1.93 4.44
CA LYS A 10 -10.76 2.98 4.78
C LYS A 10 -10.09 4.15 5.49
N CYS A 11 -10.52 5.40 5.11
CA CYS A 11 -10.00 6.67 5.72
C CYS A 11 -10.52 6.87 7.20
N PRO A 12 -9.59 7.00 8.28
CA PRO A 12 -10.04 7.23 9.71
C PRO A 12 -10.61 8.67 10.01
N ILE A 13 -10.53 9.57 8.98
CA ILE A 13 -10.95 10.99 9.04
C ILE A 13 -12.39 11.14 8.44
N CYS A 14 -12.58 10.69 7.15
CA CYS A 14 -13.88 10.83 6.44
C CYS A 14 -14.66 9.51 6.38
N GLY A 15 -13.92 8.37 6.12
CA GLY A 15 -14.51 7.02 6.01
C GLY A 15 -14.87 6.60 4.57
N SER A 16 -14.03 7.06 3.59
CA SER A 16 -14.22 6.77 2.15
C SER A 16 -13.46 5.49 1.67
N PRO A 17 -14.01 4.58 0.70
CA PRO A 17 -13.27 3.36 0.20
C PRO A 17 -12.01 3.67 -0.67
N LEU A 18 -10.91 2.99 -0.31
CA LEU A 18 -9.59 3.12 -0.98
C LEU A 18 -9.12 1.78 -1.49
N LYS A 19 -8.43 1.81 -2.66
CA LYS A 19 -7.87 0.63 -3.33
C LYS A 19 -6.38 0.47 -2.99
N TRP A 20 -5.99 -0.79 -2.64
CA TRP A 20 -4.58 -1.19 -2.30
C TRP A 20 -3.61 -1.14 -3.51
N GLU A 21 -4.19 -1.32 -4.74
CA GLU A 21 -3.47 -1.26 -6.06
C GLU A 21 -3.05 0.20 -6.46
N GLU A 22 -3.90 1.21 -6.03
CA GLU A 22 -3.70 2.68 -6.28
C GLU A 22 -2.55 3.28 -5.42
N LEU A 23 -2.39 2.73 -4.16
CA LEU A 23 -1.32 3.10 -3.17
C LEU A 23 0.10 2.68 -3.62
N ILE A 24 0.19 1.45 -4.24
CA ILE A 24 1.45 0.83 -4.79
C ILE A 24 1.87 1.53 -6.14
N GLU A 25 0.85 1.83 -7.02
CA GLU A 25 1.01 2.51 -8.35
C GLU A 25 1.49 4.00 -8.23
N GLU A 26 0.98 4.71 -7.18
CA GLU A 26 1.33 6.12 -6.85
C GLU A 26 2.68 6.23 -6.09
N MET A 27 3.10 5.12 -5.41
CA MET A 27 4.34 5.04 -4.62
C MET A 27 5.48 4.24 -5.37
N LEU A 28 5.27 3.95 -6.69
CA LEU A 28 6.25 3.21 -7.54
C LEU A 28 7.28 4.16 -8.26
N ILE A 29 7.37 5.42 -7.74
CA ILE A 29 8.28 6.50 -8.23
C ILE A 29 9.70 6.47 -7.55
N ILE A 30 9.86 5.52 -6.57
CA ILE A 30 11.10 5.34 -5.75
C ILE A 30 11.86 4.08 -6.26
N GLU A 31 13.21 4.25 -6.35
CA GLU A 31 14.20 3.19 -6.77
C GLU A 31 14.46 2.08 -5.70
N ASN A 32 14.26 2.45 -4.40
CA ASN A 32 14.42 1.55 -3.22
C ASN A 32 13.21 0.58 -3.01
N PHE A 33 12.03 0.93 -3.67
CA PHE A 33 10.75 0.15 -3.64
C PHE A 33 10.90 -1.31 -4.15
N GLU A 34 11.79 -1.47 -5.20
CA GLU A 34 12.17 -2.81 -5.81
C GLU A 34 12.84 -3.76 -4.78
N GLU A 35 13.53 -3.14 -3.76
CA GLU A 35 14.21 -3.83 -2.62
C GLU A 35 13.25 -4.09 -1.44
N ILE A 36 12.27 -3.14 -1.20
CA ILE A 36 11.21 -3.19 -0.12
C ILE A 36 10.14 -4.30 -0.42
N VAL A 37 9.74 -4.41 -1.73
CA VAL A 37 8.72 -5.40 -2.26
C VAL A 37 9.09 -6.92 -2.03
N LYS A 38 10.42 -7.18 -1.84
CA LYS A 38 10.99 -8.52 -1.55
C LYS A 38 11.02 -8.86 -0.04
N ASP A 39 10.95 -7.80 0.83
CA ASP A 39 10.98 -7.93 2.29
C ASP A 39 9.72 -7.32 2.95
N ARG A 40 8.83 -8.24 3.43
CA ARG A 40 7.55 -7.94 4.19
C ARG A 40 7.76 -7.14 5.51
N GLU A 41 8.91 -7.45 6.20
CA GLU A 41 9.37 -6.80 7.47
C GLU A 41 9.78 -5.30 7.26
N ARG A 42 10.33 -5.00 6.03
CA ARG A 42 10.73 -3.63 5.58
C ARG A 42 9.53 -2.82 5.04
N PHE A 43 8.52 -3.54 4.40
CA PHE A 43 7.28 -2.94 3.81
C PHE A 43 6.23 -2.53 4.87
N LEU A 44 5.95 -3.45 5.87
CA LEU A 44 4.97 -3.22 6.99
C LEU A 44 5.43 -2.15 8.01
N ALA A 45 6.79 -2.10 8.22
CA ALA A 45 7.50 -1.12 9.10
C ALA A 45 7.56 0.31 8.50
N GLN A 46 7.58 0.40 7.13
CA GLN A 46 7.60 1.67 6.34
C GLN A 46 6.20 2.32 6.22
N VAL A 47 5.12 1.46 6.12
CA VAL A 47 3.65 1.89 6.04
C VAL A 47 3.21 2.53 7.42
N GLU A 48 3.67 1.88 8.55
CA GLU A 48 3.40 2.33 9.96
C GLU A 48 4.22 3.59 10.39
N GLU A 49 5.37 3.83 9.71
CA GLU A 49 6.30 4.98 9.95
C GLU A 49 6.02 6.19 9.01
N PHE A 50 5.43 5.91 7.81
CA PHE A 50 5.09 6.93 6.79
C PHE A 50 3.59 7.25 6.79
N VAL A 51 3.27 8.52 6.44
CA VAL A 51 1.89 9.02 6.39
C VAL A 51 1.35 8.98 4.92
N PHE A 52 0.02 8.92 4.81
CA PHE A 52 -0.69 8.86 3.51
C PHE A 52 -1.75 9.96 3.44
N LYS A 53 -1.90 10.52 2.21
CA LYS A 53 -2.84 11.61 1.91
C LYS A 53 -4.15 11.09 1.33
N CYS A 54 -5.29 11.68 1.81
CA CYS A 54 -6.64 11.32 1.36
C CYS A 54 -7.08 12.27 0.18
N PRO A 55 -7.13 11.81 -1.18
CA PRO A 55 -7.61 12.67 -2.34
C PRO A 55 -9.13 12.99 -2.31
N VAL A 56 -9.85 12.32 -1.37
CA VAL A 56 -11.34 12.41 -1.16
C VAL A 56 -11.68 13.63 -0.23
N CYS A 57 -11.00 13.72 0.95
CA CYS A 57 -11.23 14.79 1.94
C CYS A 57 -10.09 15.83 1.92
N GLY A 58 -8.80 15.36 2.00
CA GLY A 58 -7.60 16.24 1.98
C GLY A 58 -6.73 16.13 3.25
N GLU A 59 -7.15 15.27 4.22
CA GLU A 59 -6.45 15.00 5.50
C GLU A 59 -5.51 13.78 5.39
N GLU A 60 -4.42 13.80 6.20
CA GLU A 60 -3.37 12.75 6.23
C GLU A 60 -3.63 11.75 7.36
N PHE A 61 -3.42 10.45 7.03
CA PHE A 61 -3.62 9.29 7.94
C PHE A 61 -2.33 8.44 7.99
N TYR A 62 -2.03 7.89 9.20
CA TYR A 62 -0.83 7.08 9.46
C TYR A 62 -1.13 5.56 9.41
N GLY A 63 -0.08 4.77 9.00
CA GLY A 63 -0.15 3.27 8.92
C GLY A 63 -0.10 2.54 10.28
N LYS A 64 0.19 3.33 11.36
CA LYS A 64 0.24 2.87 12.78
C LYS A 64 -1.17 2.91 13.46
N THR A 65 -2.10 3.72 12.88
CA THR A 65 -3.51 3.88 13.36
C THR A 65 -4.51 2.93 12.62
N LEU A 66 -3.97 2.07 11.68
CA LEU A 66 -4.76 1.09 10.88
C LEU A 66 -4.84 -0.30 11.60
N PRO A 67 -6.02 -1.12 11.52
CA PRO A 67 -6.14 -2.48 12.19
C PRO A 67 -5.18 -3.58 11.63
N ARG A 68 -4.90 -4.63 12.47
CA ARG A 68 -4.03 -5.82 12.12
C ARG A 68 -4.57 -6.64 10.92
N ARG A 69 -5.96 -6.70 10.81
CA ARG A 69 -6.72 -7.36 9.68
C ARG A 69 -6.35 -6.76 8.28
N GLU A 70 -6.17 -5.39 8.22
CA GLU A 70 -5.71 -4.63 7.00
C GLU A 70 -4.18 -4.78 6.79
N ALA A 71 -3.42 -4.97 7.93
CA ALA A 71 -1.93 -5.21 7.96
C ALA A 71 -1.53 -6.57 7.36
N GLU A 72 -2.44 -7.59 7.54
CA GLU A 72 -2.31 -8.98 7.00
C GLU A 72 -2.52 -9.05 5.45
N LYS A 73 -3.28 -8.04 4.91
CA LYS A 73 -3.56 -7.83 3.43
C LYS A 73 -2.28 -7.40 2.65
N VAL A 74 -1.34 -6.72 3.39
CA VAL A 74 0.01 -6.22 2.89
C VAL A 74 0.94 -7.45 2.57
N PHE A 75 0.88 -8.54 3.42
CA PHE A 75 1.62 -9.84 3.24
C PHE A 75 1.20 -10.62 1.95
N GLU A 76 -0.10 -10.38 1.50
CA GLU A 76 -0.74 -11.02 0.30
C GLU A 76 -0.10 -10.54 -1.04
N LEU A 77 0.21 -9.20 -1.13
CA LEU A 77 0.86 -8.55 -2.32
C LEU A 77 2.37 -8.93 -2.45
N LEU A 78 3.03 -9.19 -1.26
CA LEU A 78 4.45 -9.64 -1.13
C LEU A 78 4.63 -11.15 -1.45
N ASN A 79 3.53 -11.95 -1.28
CA ASN A 79 3.49 -13.40 -1.57
C ASN A 79 2.91 -13.70 -2.98
N ASP A 80 2.21 -12.69 -3.59
CA ASP A 80 1.60 -12.78 -4.93
C ASP A 80 2.39 -11.92 -5.95
N PHE A 81 3.68 -12.34 -6.13
CA PHE A 81 4.66 -11.72 -7.10
C PHE A 81 4.33 -12.05 -8.59
N LYS A 82 3.62 -13.19 -8.80
CA LYS A 82 3.16 -13.66 -10.11
C LYS A 82 1.64 -13.43 -10.23
N GLY A 83 1.22 -12.89 -11.39
CA GLY A 83 -0.18 -12.59 -11.68
C GLY A 83 -0.33 -11.55 -12.78
N GLY A 84 -0.64 -10.30 -12.34
CA GLY A 84 -0.81 -9.15 -13.25
C GLY A 84 -0.11 -7.90 -12.78
N ILE A 85 1.22 -8.01 -12.53
CA ILE A 85 2.08 -6.88 -12.06
C ILE A 85 3.16 -6.64 -13.14
N ASP A 86 3.16 -5.40 -13.67
CA ASP A 86 4.12 -4.94 -14.71
C ASP A 86 4.84 -3.67 -14.25
N TRP A 87 6.20 -3.70 -14.35
CA TRP A 87 7.10 -2.56 -13.99
C TRP A 87 7.21 -1.47 -15.09
N GLU A 88 7.13 -1.92 -16.37
CA GLU A 88 7.18 -1.06 -17.60
C GLU A 88 5.80 -0.41 -17.93
N ASN A 89 4.69 -1.19 -17.69
CA ASN A 89 3.28 -0.76 -17.93
C ASN A 89 2.65 -0.04 -16.70
N LYS A 90 3.28 -0.19 -15.46
CA LYS A 90 2.84 0.40 -14.12
C LYS A 90 1.40 -0.06 -13.70
N ARG A 91 1.21 -1.41 -13.72
CA ARG A 91 -0.06 -2.07 -13.37
C ARG A 91 0.16 -3.06 -12.23
N VAL A 92 -0.63 -2.84 -11.17
CA VAL A 92 -0.60 -3.64 -9.92
C VAL A 92 -2.01 -4.20 -9.69
N LYS A 93 -2.09 -5.55 -9.57
CA LYS A 93 -3.34 -6.29 -9.33
C LYS A 93 -3.21 -7.16 -8.08
N LEU A 94 -4.25 -7.11 -7.22
CA LEU A 94 -4.33 -7.88 -5.97
C LEU A 94 -5.48 -8.87 -6.04
N LYS A 95 -5.15 -10.14 -5.74
CA LYS A 95 -6.09 -11.28 -5.74
C LYS A 95 -6.23 -11.89 -4.34
ZN ZN B . -10.52 11.03 3.92
#